data_7LYU
#
_entry.id   7LYU
#
_cell.length_a   60.171
_cell.length_b   104.059
_cell.length_c   67.615
_cell.angle_alpha   90.000
_cell.angle_beta   104.109
_cell.angle_gamma   90.000
#
_symmetry.space_group_name_H-M   'P 1 21 1'
#
loop_
_entity.id
_entity.type
_entity.pdbx_description
1 polymer Reelin
2 branched alpha-D-mannopyranose-(1-3)-alpha-D-mannopyranose-(1-6)-[alpha-D-mannopyranose-(1-3)]beta-D-mannopyranose-(1-4)-2-acetamido-2-deoxy-beta-D-glucopyranose-(1-4)-2-acetamido-2-deoxy-beta-D-glucopyranose
3 branched alpha-D-mannopyranose-(1-6)-beta-D-mannopyranose-(1-4)-2-acetamido-2-deoxy-beta-D-glucopyranose-(1-4)-2-acetamido-2-deoxy-beta-D-glucopyranose
4 branched alpha-D-mannopyranose-(1-2)-alpha-D-mannopyranose-(1-3)-beta-D-mannopyranose-(1-4)-2-acetamido-2-deoxy-beta-D-glucopyranose-(1-4)-2-acetamido-2-deoxy-beta-D-glucopyranose
5 branched beta-D-mannopyranose-(1-4)-2-acetamido-2-deoxy-beta-D-glucopyranose-(1-4)-2-acetamido-2-deoxy-beta-D-glucopyranose
6 non-polymer 'CALCIUM ION'
#
_entity_poly.entity_id   1
_entity_poly.type   'polypeptide(L)'
_entity_poly.pdbx_seq_one_letter_code
;DYKDDDDKAAAEINPSQLVDTFDDEGSSHEENWSFYPNAVRTAGFCGNPSFHLYWPNKKKDKTHNALSSRELIIQPGYMM
QFKIVVGCEATSCGDLHSVMLEYTKDARSDSWQLVQTQCLPSSSNSIGCSPFQFHEATIYNAVNSSSWKRITIQLPDHVS
SSATQFRWIQKGEETEKQSWAIDHVYIGEACPKLCSGHGYCTTGAVCICDESFQGDDCSVFSHELPSYIKDNFESARVTE
ANWETIQGGVIGSGCGQLAPYAHGDSLYFNGCQIRQAATKPLDLTRASKIMFVLQIGSPAQTDSCNSDLSGPHTVDKAVL
LQYSVNNGITWHVIAQHQPKDFTQAQRVSYNVPLEARMKGVLLRWWQPRHNGTGHDQWALDHVEVVLVSTRKQNYMMNFS
RQHGLRHFYNRRRR
;
_entity_poly.pdbx_strand_id   A,B
#
# COMPACT_ATOMS: atom_id res chain seq x y z
N GLU A 12 4.47 -20.69 -38.48
CA GLU A 12 3.03 -20.91 -38.58
C GLU A 12 2.26 -20.01 -37.61
N ILE A 13 2.98 -19.06 -37.00
CA ILE A 13 2.47 -18.21 -35.93
C ILE A 13 3.08 -16.83 -36.09
N ASN A 14 2.41 -15.83 -35.52
CA ASN A 14 2.80 -14.44 -35.73
C ASN A 14 4.14 -14.13 -35.06
N PRO A 15 4.80 -13.05 -35.46
CA PRO A 15 6.11 -12.72 -34.88
C PRO A 15 5.99 -12.38 -33.41
N SER A 16 7.10 -12.60 -32.69
CA SER A 16 7.15 -12.39 -31.25
C SER A 16 7.97 -11.16 -30.88
N GLN A 17 8.41 -10.38 -31.86
CA GLN A 17 9.20 -9.19 -31.56
C GLN A 17 8.95 -8.15 -32.62
N LEU A 18 9.17 -6.88 -32.26
CA LEU A 18 9.01 -5.76 -33.19
C LEU A 18 10.00 -4.69 -32.80
N VAL A 19 10.96 -4.40 -33.67
CA VAL A 19 11.96 -3.37 -33.43
C VAL A 19 12.02 -2.49 -34.67
N ASP A 20 11.86 -1.19 -34.47
CA ASP A 20 11.90 -0.26 -35.60
C ASP A 20 12.42 1.08 -35.12
N THR A 21 13.63 1.43 -35.56
CA THR A 21 14.20 2.75 -35.33
C THR A 21 13.87 3.74 -36.44
N PHE A 22 13.29 3.27 -37.54
CA PHE A 22 12.88 4.12 -38.66
C PHE A 22 14.09 4.80 -39.29
N GLU A 30 9.20 -2.74 -42.67
CA GLU A 30 8.13 -2.55 -43.63
C GLU A 30 6.84 -3.23 -43.15
N GLU A 31 6.90 -4.54 -42.93
CA GLU A 31 5.73 -5.28 -42.49
C GLU A 31 5.51 -5.21 -40.99
N ASN A 32 6.25 -4.37 -40.28
CA ASN A 32 6.03 -4.22 -38.84
C ASN A 32 4.71 -3.52 -38.55
N TRP A 33 4.37 -2.52 -39.36
CA TRP A 33 3.26 -1.61 -39.07
C TRP A 33 2.09 -1.89 -40.00
N SER A 34 0.89 -1.99 -39.42
CA SER A 34 -0.31 -2.24 -40.20
C SER A 34 -0.85 -0.98 -40.85
N PHE A 35 -1.39 -0.06 -40.04
CA PHE A 35 -1.96 1.18 -40.56
C PHE A 35 -1.43 2.38 -39.80
N TYR A 36 -1.11 3.44 -40.56
CA TYR A 36 -0.52 4.66 -39.99
C TYR A 36 -1.14 5.87 -40.70
N PRO A 37 -2.40 6.19 -40.41
CA PRO A 37 -3.03 7.32 -41.10
C PRO A 37 -2.28 8.62 -40.83
N ASN A 38 -2.17 9.44 -41.88
CA ASN A 38 -1.59 10.78 -41.83
C ASN A 38 -0.13 10.79 -41.35
N ALA A 39 0.45 9.62 -41.12
CA ALA A 39 1.83 9.53 -40.65
C ALA A 39 2.80 9.87 -41.78
N VAL A 40 3.90 10.54 -41.44
CA VAL A 40 4.91 10.91 -42.42
C VAL A 40 6.28 10.59 -41.85
N ARG A 41 7.12 9.91 -42.64
CA ARG A 41 8.43 9.46 -42.19
C ARG A 41 9.44 10.56 -42.48
N THR A 42 9.84 11.28 -41.43
CA THR A 42 10.75 12.42 -41.59
C THR A 42 11.90 12.29 -40.59
N ALA A 43 12.54 13.42 -40.28
CA ALA A 43 13.62 13.49 -39.31
C ALA A 43 13.75 14.92 -38.84
N GLY A 44 14.47 15.10 -37.73
CA GLY A 44 14.77 16.42 -37.23
C GLY A 44 13.61 17.21 -36.66
N PHE A 45 12.69 16.55 -35.97
CA PHE A 45 11.61 17.23 -35.27
C PHE A 45 11.93 17.35 -33.78
N CYS A 46 11.98 18.59 -33.29
CA CYS A 46 11.99 18.88 -31.84
C CYS A 46 13.19 18.24 -31.14
N GLY A 47 14.33 18.19 -31.84
CA GLY A 47 15.58 17.78 -31.24
C GLY A 47 16.02 16.35 -31.52
N ASN A 48 15.24 15.58 -32.27
CA ASN A 48 15.64 14.24 -32.63
C ASN A 48 16.36 14.26 -33.98
N PRO A 49 17.63 13.88 -34.06
CA PRO A 49 18.32 13.87 -35.35
C PRO A 49 18.08 12.60 -36.15
N SER A 50 17.51 11.57 -35.55
CA SER A 50 17.30 10.29 -36.21
C SER A 50 16.01 10.33 -37.04
N PHE A 51 15.85 9.31 -37.88
CA PHE A 51 14.63 9.17 -38.65
C PHE A 51 13.51 8.70 -37.74
N HIS A 52 12.37 9.39 -37.81
CA HIS A 52 11.23 9.11 -36.97
C HIS A 52 9.98 9.49 -37.74
N LEU A 53 8.81 9.12 -37.22
CA LEU A 53 7.58 9.41 -37.94
C LEU A 53 6.74 10.42 -37.16
N TYR A 54 6.12 11.34 -37.92
CA TYR A 54 5.50 12.54 -37.39
C TYR A 54 4.10 12.70 -37.96
N TRP A 55 3.23 13.29 -37.13
CA TRP A 55 1.86 13.66 -37.47
C TRP A 55 1.75 15.16 -37.34
N PRO A 56 1.50 15.88 -38.44
CA PRO A 56 1.51 17.34 -38.38
C PRO A 56 0.23 17.91 -37.80
N ASN A 57 0.31 19.19 -37.44
CA ASN A 57 -0.82 19.94 -36.91
C ASN A 57 -1.88 20.26 -37.96
N LYS A 58 -1.65 19.90 -39.22
CA LYS A 58 -2.50 20.33 -40.35
C LYS A 58 -4.01 20.29 -40.11
N LYS A 62 -8.51 14.09 -42.73
CA LYS A 62 -9.88 14.18 -42.24
C LYS A 62 -10.25 12.89 -41.48
N THR A 63 -9.30 12.38 -40.71
CA THR A 63 -9.48 11.16 -39.95
C THR A 63 -8.75 11.28 -38.63
N HIS A 64 -9.01 10.34 -37.72
CA HIS A 64 -8.20 10.22 -36.52
C HIS A 64 -6.81 9.76 -36.93
N ASN A 65 -5.80 10.61 -36.75
CA ASN A 65 -4.44 10.21 -37.05
C ASN A 65 -3.93 9.25 -35.98
N ALA A 66 -3.19 8.22 -36.41
CA ALA A 66 -2.81 7.14 -35.52
C ALA A 66 -1.65 6.35 -36.13
N LEU A 67 -1.18 5.37 -35.37
CA LEU A 67 -0.12 4.45 -35.80
C LEU A 67 -0.41 3.11 -35.15
N SER A 68 -0.76 2.12 -35.96
CA SER A 68 -1.04 0.78 -35.49
C SER A 68 0.10 -0.15 -35.89
N SER A 69 0.10 -1.35 -35.31
CA SER A 69 1.15 -2.32 -35.55
C SER A 69 0.55 -3.63 -36.07
N ARG A 70 1.45 -4.53 -36.45
CA ARG A 70 1.07 -5.86 -36.86
C ARG A 70 0.52 -6.65 -35.68
N GLU A 71 -0.08 -7.80 -35.97
CA GLU A 71 -0.46 -8.74 -34.92
C GLU A 71 0.81 -9.39 -34.36
N LEU A 72 0.92 -9.42 -33.03
CA LEU A 72 2.11 -9.93 -32.35
C LEU A 72 1.69 -10.99 -31.33
N ILE A 73 2.38 -12.12 -31.33
CA ILE A 73 2.32 -13.03 -30.18
C ILE A 73 3.12 -12.43 -29.02
N ILE A 74 2.46 -12.31 -27.88
CA ILE A 74 3.05 -11.70 -26.68
C ILE A 74 2.72 -12.55 -25.47
N GLN A 75 3.71 -12.77 -24.63
CA GLN A 75 3.62 -13.62 -23.46
C GLN A 75 3.90 -12.79 -22.20
N PRO A 76 3.41 -13.23 -21.04
CA PRO A 76 3.68 -12.47 -19.81
C PRO A 76 5.18 -12.33 -19.58
N GLY A 77 5.59 -11.15 -19.14
CA GLY A 77 7.00 -10.83 -19.06
C GLY A 77 7.56 -10.14 -20.28
N TYR A 78 6.70 -9.52 -21.09
CA TYR A 78 7.15 -8.73 -22.22
C TYR A 78 7.23 -7.26 -21.84
N MET A 79 8.03 -6.50 -22.59
CA MET A 79 8.19 -5.09 -22.36
C MET A 79 7.94 -4.32 -23.64
N MET A 80 7.66 -3.03 -23.46
CA MET A 80 7.44 -2.08 -24.55
C MET A 80 8.21 -0.80 -24.23
N GLN A 81 8.96 -0.31 -25.21
CA GLN A 81 9.81 0.86 -25.01
C GLN A 81 9.79 1.70 -26.27
N PHE A 82 9.54 3.00 -26.12
CA PHE A 82 9.52 3.85 -27.30
C PHE A 82 9.88 5.28 -26.92
N LYS A 83 10.08 6.12 -27.93
CA LYS A 83 10.34 7.54 -27.73
C LYS A 83 9.22 8.33 -28.39
N ILE A 84 8.70 9.32 -27.67
CA ILE A 84 7.49 10.03 -28.08
C ILE A 84 7.61 11.51 -27.75
N VAL A 85 7.03 12.35 -28.63
CA VAL A 85 6.75 13.76 -28.38
C VAL A 85 5.30 14.04 -28.72
N VAL A 86 4.64 14.89 -27.92
CA VAL A 86 3.32 15.38 -28.30
C VAL A 86 3.46 16.83 -28.75
N GLY A 87 3.51 17.77 -27.80
CA GLY A 87 3.53 19.18 -28.18
C GLY A 87 4.82 19.91 -27.87
N CYS A 88 5.62 20.16 -28.91
CA CYS A 88 6.95 20.72 -28.70
C CYS A 88 6.90 22.11 -28.09
N GLU A 89 7.50 22.24 -26.90
CA GLU A 89 7.70 23.51 -26.20
C GLU A 89 6.38 24.23 -25.87
N ALA A 90 5.29 23.48 -25.63
CA ALA A 90 4.03 24.13 -25.33
C ALA A 90 3.80 24.28 -23.83
N THR A 91 3.01 25.29 -23.46
CA THR A 91 2.56 25.44 -22.08
C THR A 91 1.65 24.27 -21.71
N SER A 92 1.81 23.76 -20.49
CA SER A 92 1.16 22.50 -20.15
C SER A 92 -0.32 22.64 -19.74
N CYS A 93 -0.76 23.78 -19.20
CA CYS A 93 -2.06 23.75 -18.52
C CYS A 93 -3.25 23.40 -19.42
N GLY A 94 -3.05 23.27 -20.73
CA GLY A 94 -4.15 22.97 -21.63
C GLY A 94 -4.32 21.46 -21.79
N ASP A 95 -5.59 21.02 -21.77
CA ASP A 95 -5.86 19.59 -21.92
C ASP A 95 -5.47 19.10 -23.31
N LEU A 96 -5.81 19.89 -24.33
CA LEU A 96 -5.30 19.68 -25.70
C LEU A 96 -5.76 18.31 -26.19
N HIS A 97 -4.90 17.57 -26.88
CA HIS A 97 -5.28 16.36 -27.60
C HIS A 97 -4.43 15.21 -27.10
N SER A 98 -5.03 14.30 -26.34
CA SER A 98 -4.28 13.20 -25.74
C SER A 98 -4.00 12.12 -26.76
N VAL A 99 -2.76 11.61 -26.74
CA VAL A 99 -2.35 10.47 -27.54
C VAL A 99 -2.44 9.24 -26.66
N MET A 100 -3.40 8.37 -26.95
CA MET A 100 -3.63 7.16 -26.18
C MET A 100 -2.90 5.98 -26.79
N LEU A 101 -2.18 5.23 -25.95
CA LEU A 101 -1.52 3.99 -26.35
C LEU A 101 -2.42 2.84 -25.92
N GLU A 102 -2.97 2.12 -26.90
CA GLU A 102 -3.95 1.07 -26.65
C GLU A 102 -3.49 -0.25 -27.25
N TYR A 103 -4.17 -1.31 -26.82
CA TYR A 103 -3.94 -2.65 -27.32
C TYR A 103 -5.27 -3.29 -27.67
N THR A 104 -5.19 -4.33 -28.51
CA THR A 104 -6.37 -5.08 -28.91
C THR A 104 -5.96 -6.51 -29.25
N LYS A 105 -6.96 -7.40 -29.23
CA LYS A 105 -6.77 -8.81 -29.52
C LYS A 105 -7.54 -9.32 -30.73
N ASP A 106 -8.63 -8.68 -31.13
CA ASP A 106 -9.22 -8.89 -32.47
C ASP A 106 -9.61 -7.54 -33.06
N ALA A 107 -8.92 -7.14 -34.14
CA ALA A 107 -9.21 -5.86 -34.76
C ALA A 107 -10.59 -5.82 -35.40
N ARG A 108 -11.16 -6.98 -35.72
CA ARG A 108 -12.45 -7.02 -36.41
C ARG A 108 -13.57 -6.46 -35.53
N SER A 109 -13.43 -6.54 -34.21
CA SER A 109 -14.48 -6.10 -33.29
C SER A 109 -14.23 -4.71 -32.72
N ASP A 110 -13.14 -4.05 -33.08
CA ASP A 110 -12.79 -2.72 -32.57
C ASP A 110 -12.82 -2.69 -31.04
N SER A 111 -12.21 -3.71 -30.44
CA SER A 111 -12.14 -3.82 -28.98
C SER A 111 -10.75 -3.35 -28.54
N TRP A 112 -10.62 -2.05 -28.29
CA TRP A 112 -9.36 -1.44 -27.93
C TRP A 112 -9.40 -0.96 -26.49
N GLN A 113 -8.37 -1.28 -25.71
CA GLN A 113 -8.30 -0.87 -24.32
C GLN A 113 -6.91 -0.31 -24.03
N LEU A 114 -6.82 0.56 -23.02
CA LEU A 114 -5.55 1.19 -22.70
C LEU A 114 -4.54 0.14 -22.25
N VAL A 115 -3.27 0.39 -22.57
CA VAL A 115 -2.21 -0.53 -22.20
C VAL A 115 -2.05 -0.57 -20.68
N GLN A 116 -1.97 0.61 -20.07
CA GLN A 116 -1.97 0.76 -18.61
C GLN A 116 -3.06 1.74 -18.21
N THR A 117 -3.80 1.39 -17.16
CA THR A 117 -4.82 2.25 -16.59
C THR A 117 -4.23 2.98 -15.39
N GLN A 118 -4.89 4.06 -15.00
CA GLN A 118 -4.46 4.79 -13.82
C GLN A 118 -4.48 3.90 -12.59
N CYS A 119 -3.39 3.93 -11.83
CA CYS A 119 -3.24 3.17 -10.61
C CYS A 119 -2.86 4.19 -9.54
N LEU A 120 -3.88 4.72 -8.87
CA LEU A 120 -3.76 5.73 -7.83
C LEU A 120 -4.08 5.11 -6.48
N PRO A 121 -3.81 5.83 -5.39
CA PRO A 121 -4.23 5.32 -4.07
C PRO A 121 -5.74 5.16 -3.94
N SER A 122 -6.52 5.92 -4.70
CA SER A 122 -7.98 5.82 -4.63
C SER A 122 -8.53 4.64 -5.43
N SER A 123 -7.77 4.07 -6.34
CA SER A 123 -8.31 3.05 -7.23
C SER A 123 -8.15 1.68 -6.62
N SER A 124 -9.07 0.78 -6.99
CA SER A 124 -8.96 -0.60 -6.58
C SER A 124 -7.84 -1.28 -7.34
N ASN A 125 -7.36 -2.38 -6.79
CA ASN A 125 -6.31 -3.13 -7.47
C ASN A 125 -7.00 -3.96 -8.53
N SER A 126 -6.90 -3.49 -9.76
CA SER A 126 -7.58 -4.09 -10.90
C SER A 126 -6.57 -4.95 -11.66
N ILE A 127 -6.80 -5.16 -12.96
CA ILE A 127 -5.89 -5.97 -13.74
C ILE A 127 -4.53 -5.28 -13.84
N GLY A 128 -4.53 -3.99 -14.20
CA GLY A 128 -3.28 -3.26 -14.34
C GLY A 128 -2.65 -2.86 -13.03
N CYS A 129 -3.46 -2.55 -12.02
CA CYS A 129 -3.01 -1.88 -10.81
C CYS A 129 -2.58 -2.89 -9.75
N SER A 130 -1.32 -2.81 -9.34
CA SER A 130 -0.76 -3.58 -8.25
C SER A 130 -0.94 -2.81 -6.95
N PRO A 131 -0.69 -3.43 -5.78
CA PRO A 131 -1.12 -2.78 -4.53
C PRO A 131 -0.61 -1.37 -4.34
N PHE A 132 0.69 -1.16 -4.27
CA PHE A 132 1.22 0.16 -4.01
C PHE A 132 2.08 0.71 -5.14
N GLN A 133 2.27 -0.06 -6.21
CA GLN A 133 3.00 0.44 -7.37
C GLN A 133 2.05 1.36 -8.14
N PHE A 134 2.07 2.64 -7.79
CA PHE A 134 1.24 3.64 -8.42
C PHE A 134 1.91 4.18 -9.68
N HIS A 135 1.21 4.10 -10.80
CA HIS A 135 1.71 4.57 -12.07
C HIS A 135 0.62 5.36 -12.75
N GLU A 136 0.91 5.85 -13.94
CA GLU A 136 -0.04 6.58 -14.75
C GLU A 136 -0.59 5.66 -15.83
N ALA A 137 -1.54 6.18 -16.62
CA ALA A 137 -2.06 5.47 -17.77
C ALA A 137 -1.15 5.71 -18.97
N THR A 138 -1.43 5.01 -20.06
CA THR A 138 -0.67 5.17 -21.31
C THR A 138 -1.38 6.11 -22.27
N ILE A 139 -1.60 7.34 -21.80
CA ILE A 139 -2.01 8.43 -22.68
C ILE A 139 -0.99 9.55 -22.50
N TYR A 140 -0.62 10.19 -23.61
CA TYR A 140 0.50 11.11 -23.62
C TYR A 140 0.07 12.45 -24.19
N ASN A 141 0.45 13.53 -23.51
CA ASN A 141 -0.04 14.87 -23.79
C ASN A 141 1.14 15.83 -23.90
N ALA A 142 0.85 17.04 -24.37
CA ALA A 142 1.86 18.10 -24.42
C ALA A 142 2.40 18.47 -23.04
N VAL A 143 1.63 18.21 -21.98
CA VAL A 143 2.09 18.44 -20.62
C VAL A 143 3.30 17.58 -20.30
N ASN A 144 3.29 16.35 -20.79
CA ASN A 144 4.28 15.35 -20.42
C ASN A 144 5.39 15.20 -21.44
N SER A 145 5.03 15.14 -22.72
CA SER A 145 5.99 14.81 -23.76
C SER A 145 6.24 16.01 -24.66
N SER A 146 6.22 17.21 -24.09
CA SER A 146 6.68 18.40 -24.81
C SER A 146 8.12 18.26 -25.26
N SER A 147 8.89 17.41 -24.57
CA SER A 147 10.23 17.05 -24.96
C SER A 147 10.24 15.57 -25.31
N TRP A 148 11.23 15.17 -26.14
CA TRP A 148 11.40 13.76 -26.46
C TRP A 148 11.57 12.95 -25.20
N LYS A 149 10.60 12.09 -24.90
CA LYS A 149 10.69 11.25 -23.71
C LYS A 149 10.68 9.79 -24.12
N ARG A 150 11.43 8.98 -23.38
CA ARG A 150 11.46 7.54 -23.63
C ARG A 150 10.64 6.87 -22.54
N ILE A 151 9.58 6.19 -22.97
CA ILE A 151 8.68 5.47 -22.08
C ILE A 151 9.05 4.00 -22.11
N THR A 152 9.14 3.40 -20.93
CA THR A 152 9.41 1.98 -20.78
C THR A 152 8.35 1.37 -19.87
N ILE A 153 7.77 0.26 -20.31
CA ILE A 153 6.61 -0.34 -19.64
C ILE A 153 6.83 -1.85 -19.59
N GLN A 154 6.78 -2.42 -18.39
CA GLN A 154 6.55 -3.85 -18.25
C GLN A 154 5.07 -4.05 -18.49
N LEU A 155 4.70 -4.41 -19.71
CA LEU A 155 3.30 -4.42 -20.07
C LEU A 155 2.55 -5.46 -19.24
N PRO A 156 1.30 -5.19 -18.85
CA PRO A 156 0.57 -6.13 -18.00
C PRO A 156 0.31 -7.44 -18.72
N ASP A 157 -0.01 -8.45 -17.93
CA ASP A 157 -0.22 -9.79 -18.46
C ASP A 157 -1.53 -9.92 -19.24
N HIS A 158 -2.48 -9.00 -19.05
CA HIS A 158 -3.71 -9.07 -19.83
C HIS A 158 -3.50 -8.68 -21.27
N VAL A 159 -2.34 -8.11 -21.60
CA VAL A 159 -2.04 -7.75 -22.98
C VAL A 159 -1.63 -8.99 -23.78
N SER A 160 -1.02 -9.97 -23.12
CA SER A 160 -0.45 -11.12 -23.80
C SER A 160 -1.51 -11.89 -24.58
N SER A 161 -1.14 -12.32 -25.78
CA SER A 161 -2.02 -13.07 -26.67
C SER A 161 -1.18 -13.66 -27.79
N SER A 162 -1.84 -14.41 -28.67
CA SER A 162 -1.17 -14.96 -29.83
C SER A 162 -1.08 -13.95 -30.97
N ALA A 163 -1.97 -12.97 -30.99
CA ALA A 163 -1.95 -11.92 -32.01
C ALA A 163 -2.49 -10.65 -31.36
N THR A 164 -1.60 -9.92 -30.70
CA THR A 164 -1.92 -8.65 -30.06
C THR A 164 -1.42 -7.50 -30.94
N GLN A 165 -2.24 -6.47 -31.08
CA GLN A 165 -1.80 -5.29 -31.81
C GLN A 165 -1.88 -4.06 -30.90
N PHE A 166 -0.85 -3.22 -30.97
CA PHE A 166 -0.83 -1.97 -30.24
C PHE A 166 -1.06 -0.82 -31.21
N ARG A 167 -1.42 0.33 -30.65
CA ARG A 167 -1.60 1.50 -31.49
C ARG A 167 -1.49 2.76 -30.64
N TRP A 168 -1.04 3.83 -31.28
CA TRP A 168 -1.04 5.17 -30.71
C TRP A 168 -2.07 5.97 -31.50
N ILE A 169 -3.11 6.43 -30.84
CA ILE A 169 -4.21 7.12 -31.52
C ILE A 169 -4.50 8.44 -30.82
N GLN A 170 -4.73 9.47 -31.62
CA GLN A 170 -5.16 10.78 -31.13
C GLN A 170 -6.60 10.96 -31.61
N LYS A 171 -7.54 10.45 -30.83
CA LYS A 171 -8.95 10.46 -31.22
C LYS A 171 -9.55 11.86 -31.04
N GLU A 176 -7.56 20.41 -37.40
CA GLU A 176 -7.10 21.21 -36.26
C GLU A 176 -6.56 20.32 -35.15
N LYS A 177 -5.27 20.01 -35.20
CA LYS A 177 -4.68 19.08 -34.26
C LYS A 177 -3.29 19.55 -33.82
N GLN A 178 -2.77 18.86 -32.81
CA GLN A 178 -1.43 19.04 -32.28
C GLN A 178 -0.49 18.11 -33.04
N SER A 179 0.77 18.53 -33.21
CA SER A 179 1.75 17.63 -33.83
C SER A 179 2.08 16.51 -32.83
N TRP A 180 2.71 15.43 -33.34
CA TRP A 180 3.28 14.43 -32.43
C TRP A 180 4.15 13.45 -33.21
N ALA A 181 5.07 12.79 -32.49
CA ALA A 181 6.07 11.97 -33.19
C ALA A 181 6.49 10.75 -32.35
N ILE A 182 6.92 9.70 -33.07
CA ILE A 182 7.39 8.44 -32.48
C ILE A 182 8.71 8.01 -33.13
N ASP A 183 9.57 7.38 -32.31
CA ASP A 183 10.85 6.85 -32.77
C ASP A 183 11.31 5.71 -31.87
N HIS A 184 12.12 4.82 -32.46
CA HIS A 184 12.85 3.73 -31.79
C HIS A 184 11.92 2.90 -30.90
N VAL A 185 11.03 2.19 -31.57
CA VAL A 185 10.05 1.34 -30.91
C VAL A 185 10.62 -0.06 -30.73
N TYR A 186 10.44 -0.62 -29.53
CA TYR A 186 10.81 -2.00 -29.25
C TYR A 186 9.68 -2.63 -28.45
N ILE A 187 9.15 -3.74 -28.96
CA ILE A 187 8.19 -4.56 -28.24
C ILE A 187 8.69 -5.99 -28.27
N GLY A 188 8.82 -6.60 -27.10
CA GLY A 188 9.28 -7.99 -27.11
C GLY A 188 9.59 -8.51 -25.72
N GLU A 189 10.50 -9.49 -25.68
CA GLU A 189 10.90 -10.06 -24.39
C GLU A 189 11.52 -8.98 -23.52
N ALA A 190 11.24 -9.04 -22.22
CA ALA A 190 11.87 -8.12 -21.30
C ALA A 190 13.34 -8.49 -21.16
N CYS A 191 14.21 -7.56 -21.47
CA CYS A 191 15.64 -7.77 -21.26
C CYS A 191 16.02 -7.33 -19.86
N PRO A 192 17.15 -7.82 -19.30
CA PRO A 192 17.40 -7.71 -17.86
C PRO A 192 17.15 -6.33 -17.22
N LYS A 193 16.23 -6.33 -16.27
CA LYS A 193 15.86 -5.15 -15.49
C LYS A 193 15.37 -4.00 -16.36
N LEU A 194 14.83 -4.32 -17.55
CA LEU A 194 14.40 -3.30 -18.51
C LEU A 194 15.52 -2.31 -18.83
N CYS A 195 16.77 -2.77 -18.75
CA CYS A 195 17.96 -1.98 -19.01
C CYS A 195 18.15 -0.89 -17.95
N SER A 196 17.41 -0.98 -16.84
CA SER A 196 17.58 -0.14 -15.65
C SER A 196 17.25 1.32 -15.89
N GLY A 197 16.53 1.63 -16.97
CA GLY A 197 16.15 3.00 -17.24
C GLY A 197 17.27 3.87 -17.76
N HIS A 198 18.45 3.30 -18.00
CA HIS A 198 19.59 4.01 -18.54
C HIS A 198 20.09 3.37 -19.82
N GLY A 199 19.24 2.57 -20.47
CA GLY A 199 19.61 1.85 -21.68
C GLY A 199 18.37 1.46 -22.45
N TYR A 200 18.58 1.07 -23.70
CA TYR A 200 17.50 0.68 -24.61
C TYR A 200 17.62 -0.79 -24.98
N CYS A 201 16.47 -1.43 -25.17
CA CYS A 201 16.46 -2.84 -25.56
C CYS A 201 16.40 -2.93 -27.08
N THR A 202 17.10 -3.93 -27.61
CA THR A 202 17.26 -4.05 -29.06
C THR A 202 16.92 -5.45 -29.54
N THR A 203 17.20 -5.73 -30.82
CA THR A 203 16.90 -7.05 -31.37
C THR A 203 17.64 -8.13 -30.58
N GLY A 204 16.93 -9.19 -30.24
CA GLY A 204 17.49 -10.29 -29.48
C GLY A 204 17.46 -10.12 -27.98
N ALA A 205 16.68 -9.17 -27.44
CA ALA A 205 16.53 -8.95 -26.00
C ALA A 205 17.88 -8.64 -25.35
N VAL A 206 18.66 -7.77 -25.99
CA VAL A 206 19.93 -7.29 -25.47
C VAL A 206 19.82 -5.80 -25.19
N CYS A 207 20.58 -5.33 -24.20
CA CYS A 207 20.50 -3.94 -23.74
C CYS A 207 21.73 -3.17 -24.23
N ILE A 208 21.50 -2.15 -25.04
CA ILE A 208 22.55 -1.21 -25.42
C ILE A 208 22.40 0.02 -24.54
N CYS A 209 23.44 0.34 -23.78
CA CYS A 209 23.31 1.32 -22.71
C CYS A 209 23.40 2.73 -23.27
N ASP A 210 22.90 3.69 -22.48
CA ASP A 210 23.08 5.10 -22.78
C ASP A 210 24.50 5.52 -22.45
N GLU A 211 24.78 6.82 -22.55
CA GLU A 211 26.11 7.33 -22.25
C GLU A 211 26.44 7.16 -20.77
N SER A 212 27.68 6.72 -20.50
CA SER A 212 28.25 6.60 -19.15
C SER A 212 27.59 5.52 -18.29
N PHE A 213 26.87 4.57 -18.89
CA PHE A 213 26.32 3.43 -18.15
C PHE A 213 26.77 2.12 -18.78
N GLN A 214 27.05 1.14 -17.94
CA GLN A 214 27.61 -0.14 -18.37
C GLN A 214 26.94 -1.28 -17.62
N GLY A 215 27.21 -2.49 -18.05
CA GLY A 215 26.67 -3.69 -17.46
C GLY A 215 25.68 -4.38 -18.37
N ASP A 216 25.38 -5.64 -18.02
CA ASP A 216 24.40 -6.41 -18.78
C ASP A 216 23.01 -5.81 -18.66
N ASP A 217 22.73 -5.12 -17.55
CA ASP A 217 21.46 -4.44 -17.33
C ASP A 217 21.59 -2.91 -17.32
N CYS A 218 22.77 -2.37 -17.58
CA CYS A 218 23.01 -0.92 -17.62
C CYS A 218 22.69 -0.25 -16.27
N SER A 219 22.89 -0.95 -15.17
CA SER A 219 22.66 -0.34 -13.85
C SER A 219 23.88 0.35 -13.28
N VAL A 220 25.08 -0.08 -13.65
CA VAL A 220 26.30 0.45 -13.07
C VAL A 220 26.63 1.79 -13.72
N PHE A 221 26.63 2.86 -12.91
CA PHE A 221 27.07 4.16 -13.39
C PHE A 221 28.59 4.23 -13.35
N SER A 222 29.19 4.65 -14.47
CA SER A 222 30.65 4.75 -14.53
C SER A 222 31.17 5.77 -13.53
N HIS A 223 30.54 6.94 -13.46
CA HIS A 223 30.98 8.01 -12.58
C HIS A 223 30.36 7.84 -11.20
N GLU A 224 30.73 8.71 -10.26
CA GLU A 224 30.19 8.68 -8.92
C GLU A 224 29.07 9.71 -8.74
N LEU A 225 28.16 9.42 -7.82
CA LEU A 225 26.97 10.22 -7.55
C LEU A 225 27.01 10.85 -6.15
N PRO A 226 26.24 11.90 -5.92
CA PRO A 226 26.21 12.54 -4.59
C PRO A 226 25.77 11.60 -3.47
N SER A 227 26.33 11.84 -2.29
CA SER A 227 26.05 11.02 -1.11
C SER A 227 24.72 11.38 -0.49
N TYR A 228 24.39 12.67 -0.42
CA TYR A 228 23.19 13.14 0.24
C TYR A 228 22.80 14.49 -0.33
N ILE A 229 21.52 14.81 -0.23
CA ILE A 229 20.96 16.05 -0.75
C ILE A 229 20.55 16.96 0.40
N LYS A 230 20.94 18.22 0.32
CA LYS A 230 20.54 19.24 1.28
C LYS A 230 19.95 20.44 0.55
N ASP A 231 18.80 20.91 1.01
CA ASP A 231 18.11 22.01 0.32
C ASP A 231 17.15 22.66 1.30
N ASN A 232 17.42 23.91 1.67
CA ASN A 232 16.45 24.77 2.34
C ASN A 232 15.74 25.72 1.40
N PHE A 233 15.99 25.62 0.10
CA PHE A 233 15.50 26.56 -0.91
C PHE A 233 15.70 28.02 -0.50
N GLU A 234 16.93 28.36 -0.11
CA GLU A 234 17.26 29.75 0.16
C GLU A 234 18.15 30.33 -0.92
N SER A 235 18.50 29.55 -1.93
CA SER A 235 19.25 30.02 -3.08
C SER A 235 18.82 29.21 -4.28
N ALA A 236 18.44 29.89 -5.36
CA ALA A 236 17.94 29.20 -6.54
C ALA A 236 19.02 28.33 -7.19
N ARG A 237 20.29 28.67 -6.99
CA ARG A 237 21.36 27.91 -7.63
C ARG A 237 21.56 26.56 -6.97
N VAL A 238 21.53 26.52 -5.63
CA VAL A 238 21.68 25.24 -4.93
C VAL A 238 20.53 24.31 -5.28
N THR A 239 19.31 24.84 -5.39
CA THR A 239 18.17 24.01 -5.77
C THR A 239 18.25 23.59 -7.23
N GLU A 240 18.74 24.46 -8.11
CA GLU A 240 18.92 24.08 -9.50
C GLU A 240 19.95 22.97 -9.65
N ALA A 241 20.95 22.95 -8.78
CA ALA A 241 21.93 21.87 -8.80
C ALA A 241 21.37 20.59 -8.15
N ASN A 242 20.53 20.73 -7.13
CA ASN A 242 20.10 19.59 -6.34
C ASN A 242 19.05 18.73 -7.05
N TRP A 243 18.10 19.34 -7.75
CA TRP A 243 16.94 18.63 -8.27
C TRP A 243 17.00 18.48 -9.78
N GLU A 244 16.48 17.36 -10.26
CA GLU A 244 16.38 17.09 -11.69
C GLU A 244 15.07 17.58 -12.28
N THR A 245 13.94 17.29 -11.62
CA THR A 245 12.66 17.74 -12.14
C THR A 245 11.89 18.47 -11.04
N ILE A 246 11.40 19.66 -11.36
CA ILE A 246 10.51 20.40 -10.47
C ILE A 246 9.38 20.92 -11.36
N GLN A 247 8.17 20.37 -11.17
CA GLN A 247 7.03 20.63 -12.03
C GLN A 247 5.86 21.10 -11.19
N GLY A 248 5.21 22.18 -11.61
CA GLY A 248 4.04 22.68 -10.92
C GLY A 248 4.32 23.45 -9.65
N GLY A 249 5.59 23.73 -9.35
CA GLY A 249 5.93 24.43 -8.13
C GLY A 249 7.18 25.24 -8.30
N VAL A 250 7.26 26.34 -7.54
CA VAL A 250 8.40 27.24 -7.62
C VAL A 250 8.86 27.56 -6.21
N ILE A 251 10.06 28.12 -6.10
CA ILE A 251 10.54 28.63 -4.82
C ILE A 251 9.71 29.85 -4.47
N GLY A 252 8.92 29.74 -3.41
CA GLY A 252 8.02 30.79 -3.00
C GLY A 252 7.54 30.55 -1.59
N SER A 253 6.50 31.27 -1.19
CA SER A 253 5.99 31.16 0.17
C SER A 253 4.47 31.17 0.18
N GLY A 254 3.85 30.42 -0.74
CA GLY A 254 2.41 30.47 -0.90
C GLY A 254 1.64 30.01 0.33
N CYS A 255 2.14 28.99 1.02
CA CYS A 255 1.49 28.48 2.22
C CYS A 255 2.05 29.13 3.48
N GLY A 256 2.89 30.15 3.30
CA GLY A 256 3.52 30.87 4.38
C GLY A 256 4.92 30.32 4.64
N GLN A 257 5.58 30.89 5.65
CA GLN A 257 6.81 30.26 6.12
C GLN A 257 6.47 28.88 6.61
N LEU A 258 7.19 27.89 6.09
CA LEU A 258 6.61 26.55 6.06
C LEU A 258 6.16 26.12 7.44
N ALA A 259 6.98 26.34 8.46
CA ALA A 259 6.58 25.75 9.72
C ALA A 259 7.11 26.53 10.93
N PRO A 260 6.80 26.07 12.15
CA PRO A 260 7.72 26.36 13.27
C PRO A 260 9.06 25.70 13.03
N TYR A 261 9.02 24.57 12.32
CA TYR A 261 10.17 23.74 11.98
C TYR A 261 11.01 24.29 10.82
N ALA A 262 10.53 25.27 10.07
CA ALA A 262 11.25 25.74 8.88
C ALA A 262 11.03 27.24 8.73
N HIS A 263 11.72 27.82 7.74
CA HIS A 263 11.73 29.27 7.55
C HIS A 263 12.00 29.59 6.08
N GLY A 264 11.64 30.81 5.70
CA GLY A 264 12.02 31.31 4.39
C GLY A 264 11.20 30.74 3.25
N ASP A 265 11.76 30.84 2.04
CA ASP A 265 11.09 30.31 0.86
C ASP A 265 11.06 28.78 0.88
N SER A 266 9.87 28.23 0.70
CA SER A 266 9.64 26.81 0.51
C SER A 266 9.52 26.48 -0.97
N LEU A 267 9.55 25.19 -1.28
CA LEU A 267 9.13 24.71 -2.59
C LEU A 267 7.62 24.62 -2.55
N TYR A 268 6.94 25.54 -3.22
CA TYR A 268 5.50 25.70 -3.10
C TYR A 268 4.83 25.37 -4.42
N PHE A 269 3.84 24.49 -4.38
CA PHE A 269 3.23 23.91 -5.58
C PHE A 269 1.83 24.45 -5.76
N ASN A 270 1.69 25.50 -6.57
CA ASN A 270 0.40 26.03 -6.99
C ASN A 270 0.11 25.73 -8.45
N GLY A 271 1.10 25.28 -9.21
CA GLY A 271 0.97 25.18 -10.65
C GLY A 271 -0.10 24.18 -11.07
N CYS A 272 -0.54 24.35 -12.30
CA CYS A 272 -1.47 23.43 -12.94
C CYS A 272 -0.79 22.09 -13.20
N GLN A 273 -1.62 21.09 -13.45
CA GLN A 273 -1.16 19.78 -13.96
C GLN A 273 -0.18 19.18 -12.94
N ILE A 274 0.89 18.54 -13.40
CA ILE A 274 1.68 17.65 -12.55
C ILE A 274 2.46 18.45 -11.52
N ARG A 275 2.38 18.04 -10.26
CA ARG A 275 3.10 18.68 -9.15
C ARG A 275 4.09 17.66 -8.60
N GLN A 276 5.38 17.92 -8.84
CA GLN A 276 6.42 16.91 -8.70
C GLN A 276 7.74 17.58 -8.34
N ALA A 277 8.52 16.93 -7.49
CA ALA A 277 9.89 17.36 -7.18
C ALA A 277 10.73 16.10 -7.03
N ALA A 278 11.55 15.81 -8.04
CA ALA A 278 12.33 14.58 -8.09
C ALA A 278 13.81 14.93 -8.23
N THR A 279 14.61 14.33 -7.35
CA THR A 279 16.03 14.62 -7.24
C THR A 279 16.79 14.12 -8.46
N LYS A 280 18.08 14.46 -8.50
CA LYS A 280 19.03 13.83 -9.41
C LYS A 280 19.42 12.47 -8.85
N PRO A 281 20.14 11.65 -9.62
CA PRO A 281 20.58 10.36 -9.08
C PRO A 281 21.52 10.54 -7.90
N LEU A 282 21.24 9.82 -6.84
CA LEU A 282 21.99 9.89 -5.59
C LEU A 282 22.54 8.51 -5.26
N ASP A 283 23.54 8.49 -4.38
CA ASP A 283 24.09 7.25 -3.86
C ASP A 283 23.60 7.09 -2.42
N LEU A 284 22.63 6.21 -2.21
CA LEU A 284 22.02 6.01 -0.91
C LEU A 284 22.54 4.77 -0.20
N THR A 285 23.74 4.29 -0.56
CA THR A 285 24.31 3.15 0.15
C THR A 285 24.63 3.52 1.60
N ARG A 286 25.10 4.74 1.84
CA ARG A 286 25.42 5.21 3.17
C ARG A 286 24.32 6.09 3.74
N ALA A 287 23.14 6.09 3.10
CA ALA A 287 22.03 6.90 3.57
C ALA A 287 21.34 6.21 4.74
N SER A 288 21.01 7.00 5.75
CA SER A 288 20.37 6.47 6.95
C SER A 288 18.89 6.80 7.02
N LYS A 289 18.53 8.08 6.95
CA LYS A 289 17.14 8.49 7.04
C LYS A 289 16.90 9.68 6.12
N ILE A 290 15.65 9.82 5.68
CA ILE A 290 15.18 10.96 4.90
C ILE A 290 14.29 11.81 5.80
N MET A 291 14.67 13.07 5.97
CA MET A 291 13.93 14.02 6.78
C MET A 291 13.48 15.18 5.92
N PHE A 292 12.34 15.75 6.25
CA PHE A 292 11.90 16.99 5.60
C PHE A 292 10.76 17.59 6.42
N VAL A 293 10.30 18.75 6.00
CA VAL A 293 9.14 19.41 6.59
C VAL A 293 8.12 19.63 5.47
N LEU A 294 6.88 19.26 5.74
CA LEU A 294 5.82 19.29 4.73
C LEU A 294 4.57 19.97 5.26
N GLN A 295 3.88 20.70 4.39
CA GLN A 295 2.56 21.23 4.69
C GLN A 295 1.65 21.04 3.49
N ILE A 296 0.42 20.62 3.74
CA ILE A 296 -0.60 20.43 2.71
C ILE A 296 -1.82 21.24 3.11
N GLY A 297 -2.02 22.38 2.47
CA GLY A 297 -3.11 23.27 2.85
C GLY A 297 -2.71 24.20 3.97
N SER A 298 -3.70 24.92 4.47
CA SER A 298 -3.47 25.89 5.52
C SER A 298 -4.67 25.93 6.45
N PRO A 299 -4.47 26.23 7.74
CA PRO A 299 -5.61 26.42 8.63
C PRO A 299 -6.51 27.56 8.17
N ALA A 300 -5.94 28.55 7.48
CA ALA A 300 -6.72 29.67 6.97
C ALA A 300 -7.59 29.26 5.79
N GLN A 301 -7.21 28.20 5.07
CA GLN A 301 -7.87 27.78 3.84
C GLN A 301 -7.97 28.97 2.87
N THR A 302 -6.81 29.54 2.58
CA THR A 302 -6.66 30.63 1.63
C THR A 302 -6.60 30.13 0.19
N ASP A 303 -6.88 31.05 -0.74
CA ASP A 303 -6.82 30.69 -2.15
C ASP A 303 -5.42 30.35 -2.60
N SER A 304 -4.41 30.91 -1.94
CA SER A 304 -3.03 30.56 -2.25
C SER A 304 -2.70 29.14 -1.79
N CYS A 305 -3.40 28.63 -0.78
CA CYS A 305 -3.00 27.37 -0.19
C CYS A 305 -4.20 26.78 0.55
N ASN A 306 -4.82 25.76 -0.05
CA ASN A 306 -6.07 25.20 0.46
C ASN A 306 -6.09 23.68 0.24
N SER A 307 -7.06 23.02 0.89
CA SER A 307 -7.22 21.58 0.81
C SER A 307 -8.69 21.20 0.98
N ASP A 308 -9.14 20.25 0.16
CA ASP A 308 -10.51 19.72 0.22
C ASP A 308 -10.51 18.45 1.06
N LEU A 309 -10.89 18.57 2.33
CA LEU A 309 -10.95 17.43 3.22
C LEU A 309 -12.30 16.73 3.20
N SER A 310 -13.28 17.24 2.45
CA SER A 310 -14.59 16.62 2.39
C SER A 310 -14.73 15.66 1.22
N GLY A 311 -14.00 15.91 0.14
CA GLY A 311 -14.10 15.11 -1.06
C GLY A 311 -13.64 13.69 -0.82
N PRO A 312 -14.22 12.75 -1.57
CA PRO A 312 -13.83 11.34 -1.43
C PRO A 312 -12.50 10.99 -2.07
N HIS A 313 -11.96 11.87 -2.91
CA HIS A 313 -10.68 11.66 -3.57
C HIS A 313 -9.51 12.26 -2.79
N THR A 314 -9.68 12.47 -1.48
CA THR A 314 -8.63 13.08 -0.67
C THR A 314 -7.34 12.29 -0.71
N VAL A 315 -7.41 10.96 -0.84
CA VAL A 315 -6.20 10.16 -0.87
C VAL A 315 -5.36 10.44 -2.10
N ASP A 316 -5.98 10.81 -3.22
CA ASP A 316 -5.19 11.13 -4.41
C ASP A 316 -4.52 12.49 -4.29
N LYS A 317 -5.06 13.38 -3.46
CA LYS A 317 -4.48 14.71 -3.28
C LYS A 317 -3.41 14.73 -2.20
N ALA A 318 -2.97 13.56 -1.76
CA ALA A 318 -1.91 13.45 -0.77
C ALA A 318 -0.55 13.61 -1.45
N VAL A 319 0.46 13.95 -0.64
CA VAL A 319 1.83 14.05 -1.13
C VAL A 319 2.53 12.72 -0.87
N LEU A 320 2.88 12.02 -1.94
CA LEU A 320 3.57 10.74 -1.85
C LEU A 320 5.07 10.97 -1.91
N LEU A 321 5.80 10.37 -0.97
CA LEU A 321 7.25 10.26 -1.03
C LEU A 321 7.60 8.90 -1.63
N GLN A 322 8.40 8.92 -2.69
CA GLN A 322 8.67 7.70 -3.45
C GLN A 322 10.16 7.63 -3.78
N TYR A 323 10.61 6.43 -4.11
CA TYR A 323 11.97 6.20 -4.59
C TYR A 323 11.91 5.35 -5.85
N SER A 324 12.94 5.51 -6.69
CA SER A 324 13.06 4.76 -7.93
C SER A 324 14.52 4.39 -8.16
N VAL A 325 14.76 3.13 -8.48
CA VAL A 325 16.10 2.66 -8.81
C VAL A 325 16.26 2.38 -10.29
N ASN A 326 15.23 2.64 -11.10
CA ASN A 326 15.27 2.40 -12.54
C ASN A 326 15.15 3.68 -13.35
N ASN A 327 15.48 4.83 -12.77
CA ASN A 327 15.44 6.12 -13.46
C ASN A 327 14.02 6.49 -13.91
N GLY A 328 13.00 6.07 -13.17
CA GLY A 328 11.65 6.52 -13.41
C GLY A 328 10.66 5.52 -13.98
N ILE A 329 11.09 4.30 -14.30
CA ILE A 329 10.16 3.31 -14.82
C ILE A 329 9.18 2.87 -13.74
N THR A 330 9.66 2.67 -12.51
CA THR A 330 8.82 2.21 -11.42
C THR A 330 9.19 2.98 -10.16
N TRP A 331 8.18 3.46 -9.44
CA TRP A 331 8.36 4.16 -8.19
C TRP A 331 7.73 3.35 -7.07
N HIS A 332 8.38 3.33 -5.91
CA HIS A 332 7.91 2.61 -4.74
C HIS A 332 7.71 3.58 -3.59
N VAL A 333 6.66 3.35 -2.81
CA VAL A 333 6.23 4.31 -1.80
C VAL A 333 7.06 4.12 -0.54
N ILE A 334 7.63 5.23 -0.05
CA ILE A 334 8.19 5.25 1.29
C ILE A 334 7.14 5.70 2.31
N ALA A 335 6.38 6.73 1.97
CA ALA A 335 5.36 7.24 2.88
C ALA A 335 4.33 8.03 2.09
N GLN A 336 3.10 8.05 2.63
CA GLN A 336 2.01 8.85 2.09
C GLN A 336 1.62 9.90 3.12
N HIS A 337 1.36 11.11 2.65
CA HIS A 337 1.05 12.24 3.52
C HIS A 337 -0.34 12.78 3.15
N GLN A 338 -1.36 12.36 3.89
CA GLN A 338 -2.71 12.81 3.59
C GLN A 338 -2.85 14.28 3.98
N PRO A 339 -3.63 15.05 3.21
CA PRO A 339 -3.83 16.47 3.57
C PRO A 339 -4.53 16.71 4.90
N LYS A 340 -5.24 15.72 5.45
CA LYS A 340 -5.90 15.93 6.74
C LYS A 340 -4.88 16.07 7.87
N ASP A 341 -3.72 15.44 7.74
CA ASP A 341 -2.72 15.40 8.79
C ASP A 341 -1.65 16.48 8.64
N PHE A 342 -1.70 17.27 7.57
CA PHE A 342 -0.63 18.22 7.28
C PHE A 342 -1.18 19.62 6.99
N THR A 343 -2.32 19.98 7.58
CA THR A 343 -2.78 21.36 7.48
C THR A 343 -1.81 22.32 8.14
N GLN A 344 -1.15 21.88 9.21
CA GLN A 344 -0.05 22.60 9.82
C GLN A 344 1.23 21.84 9.55
N ALA A 345 2.25 22.55 9.05
CA ALA A 345 3.46 21.88 8.59
C ALA A 345 4.14 21.10 9.70
N GLN A 346 4.65 19.93 9.35
CA GLN A 346 5.24 19.03 10.31
C GLN A 346 6.56 18.51 9.76
N ARG A 347 7.49 18.23 10.67
CA ARG A 347 8.76 17.61 10.30
C ARG A 347 8.62 16.11 10.46
N VAL A 348 9.04 15.37 9.43
CA VAL A 348 8.95 13.92 9.42
C VAL A 348 10.29 13.33 9.01
N SER A 349 10.52 12.09 9.46
CA SER A 349 11.75 11.35 9.25
C SER A 349 11.41 9.89 9.00
N TYR A 350 11.97 9.31 7.94
CA TYR A 350 11.72 7.92 7.58
C TYR A 350 13.05 7.22 7.35
N ASN A 351 13.11 5.93 7.66
CA ASN A 351 14.28 5.15 7.35
C ASN A 351 14.31 4.81 5.85
N VAL A 352 15.48 4.95 5.23
CA VAL A 352 15.64 4.59 3.83
C VAL A 352 15.58 3.07 3.73
N PRO A 353 14.62 2.51 2.99
CA PRO A 353 14.53 1.05 2.90
C PRO A 353 15.77 0.46 2.26
N LEU A 354 16.06 -0.80 2.64
CA LEU A 354 17.25 -1.46 2.13
C LEU A 354 17.23 -1.55 0.60
N GLU A 355 16.06 -1.80 0.02
CA GLU A 355 15.95 -1.87 -1.43
C GLU A 355 16.33 -0.54 -2.08
N ALA A 356 16.21 0.57 -1.36
CA ALA A 356 16.57 1.89 -1.86
C ALA A 356 17.96 2.32 -1.45
N ARG A 357 18.69 1.50 -0.70
CA ARG A 357 20.04 1.84 -0.25
C ARG A 357 21.07 1.35 -1.28
N MET A 358 21.08 2.03 -2.42
CA MET A 358 21.94 1.62 -3.52
C MET A 358 22.43 2.85 -4.27
N LYS A 359 23.25 2.60 -5.29
CA LYS A 359 23.78 3.67 -6.14
C LYS A 359 22.79 3.99 -7.25
N GLY A 360 22.57 5.28 -7.48
CA GLY A 360 21.67 5.69 -8.54
C GLY A 360 20.22 5.57 -8.14
N VAL A 361 19.85 6.21 -7.03
CA VAL A 361 18.48 6.20 -6.54
C VAL A 361 17.89 7.60 -6.72
N LEU A 362 16.61 7.65 -7.08
CA LEU A 362 15.85 8.87 -7.23
C LEU A 362 14.83 8.98 -6.11
N LEU A 363 14.68 10.16 -5.54
CA LEU A 363 13.65 10.46 -4.57
C LEU A 363 12.66 11.45 -5.15
N ARG A 364 11.38 11.29 -4.83
CA ARG A 364 10.34 12.10 -5.44
C ARG A 364 9.26 12.45 -4.44
N TRP A 365 8.84 13.71 -4.48
CA TRP A 365 7.64 14.18 -3.76
C TRP A 365 6.60 14.52 -4.83
N TRP A 366 5.44 13.88 -4.76
CA TRP A 366 4.51 13.93 -5.88
C TRP A 366 3.05 14.01 -5.44
N GLN A 367 2.28 14.87 -6.10
CA GLN A 367 0.83 14.92 -5.89
C GLN A 367 0.15 14.16 -7.02
N PRO A 368 -0.46 13.01 -6.76
CA PRO A 368 -1.13 12.26 -7.83
C PRO A 368 -2.19 13.07 -8.57
N ARG A 369 -3.21 13.56 -7.86
CA ARG A 369 -4.32 14.29 -8.45
C ARG A 369 -4.46 15.64 -7.78
N HIS A 370 -5.09 16.59 -8.47
CA HIS A 370 -5.48 17.87 -7.86
C HIS A 370 -6.40 18.61 -8.81
N ASN A 371 -6.93 19.74 -8.34
CA ASN A 371 -7.90 20.56 -9.06
C ASN A 371 -7.29 21.80 -9.69
N GLY A 372 -6.06 21.73 -10.15
CA GLY A 372 -5.45 22.84 -10.86
C GLY A 372 -5.01 23.97 -9.95
N THR A 373 -4.63 25.07 -10.59
CA THR A 373 -4.12 26.22 -9.86
C THR A 373 -5.18 26.77 -8.92
N GLY A 374 -4.75 27.13 -7.71
CA GLY A 374 -5.67 27.56 -6.69
C GLY A 374 -6.20 26.46 -5.79
N HIS A 375 -5.79 25.21 -6.01
CA HIS A 375 -6.39 24.08 -5.33
C HIS A 375 -5.32 23.13 -4.81
N ASP A 376 -5.49 22.69 -3.56
CA ASP A 376 -4.79 21.52 -3.05
C ASP A 376 -3.28 21.72 -3.09
N GLN A 377 -2.82 22.90 -2.67
CA GLN A 377 -1.41 23.25 -2.73
C GLN A 377 -0.66 22.61 -1.57
N TRP A 378 0.66 22.54 -1.72
CA TRP A 378 1.52 22.00 -0.68
C TRP A 378 2.90 22.64 -0.78
N ALA A 379 3.61 22.63 0.34
CA ALA A 379 4.94 23.22 0.44
C ALA A 379 5.89 22.26 1.13
N LEU A 380 7.14 22.31 0.68
CA LEU A 380 8.20 21.39 1.13
C LEU A 380 9.44 22.20 1.50
N ASP A 381 10.11 21.80 2.57
CA ASP A 381 11.30 22.52 3.00
C ASP A 381 12.21 21.62 3.82
N HIS A 382 13.44 22.10 4.02
CA HIS A 382 14.44 21.43 4.85
C HIS A 382 14.67 19.99 4.39
N VAL A 383 14.79 19.80 3.07
CA VAL A 383 15.10 18.48 2.55
C VAL A 383 16.50 18.11 2.99
N GLU A 384 16.60 17.01 3.73
CA GLU A 384 17.85 16.59 4.37
C GLU A 384 17.92 15.08 4.31
N VAL A 385 18.99 14.56 3.72
CA VAL A 385 19.30 13.14 3.76
C VAL A 385 20.46 13.01 4.74
N VAL A 386 20.21 12.38 5.88
CA VAL A 386 21.22 12.36 6.94
C VAL A 386 22.45 11.58 6.50
N LEU A 387 22.25 10.38 5.97
CA LEU A 387 23.31 9.59 5.34
C LEU A 387 24.57 9.51 6.21
N VAL A 388 24.38 9.18 7.49
CA VAL A 388 25.49 9.21 8.43
C VAL A 388 25.14 8.34 9.62
N SER A 389 26.16 7.73 10.21
CA SER A 389 26.01 6.85 11.36
C SER A 389 25.20 7.49 12.49
N GLU B 12 23.90 1.95 36.55
CA GLU B 12 22.54 2.38 36.30
C GLU B 12 21.98 1.72 35.04
N ILE B 13 21.39 0.53 35.19
CA ILE B 13 20.88 -0.20 34.04
C ILE B 13 19.60 -0.94 34.42
N ASN B 14 18.69 -1.05 33.44
CA ASN B 14 17.38 -1.67 33.48
C ASN B 14 17.48 -3.16 33.10
N PRO B 15 16.44 -3.95 33.38
CA PRO B 15 16.53 -5.40 33.14
C PRO B 15 16.71 -5.82 31.68
N SER B 16 15.96 -5.23 30.75
CA SER B 16 15.91 -5.52 29.30
C SER B 16 15.09 -6.76 28.96
N GLN B 17 14.44 -7.40 29.94
CA GLN B 17 13.63 -8.57 29.67
C GLN B 17 12.47 -8.57 30.65
N LEU B 18 11.38 -9.21 30.24
CA LEU B 18 10.20 -9.29 31.10
C LEU B 18 9.47 -10.58 30.78
N VAL B 19 9.45 -11.52 31.72
CA VAL B 19 8.73 -12.78 31.55
C VAL B 19 7.95 -13.08 32.81
N ASP B 20 6.65 -13.33 32.67
CA ASP B 20 5.83 -13.61 33.84
C ASP B 20 4.65 -14.48 33.43
N THR B 21 4.65 -15.73 33.91
CA THR B 21 3.50 -16.62 33.80
C THR B 21 2.58 -16.51 35.01
N PHE B 22 2.99 -15.74 36.02
CA PHE B 22 2.27 -15.49 37.27
C PHE B 22 2.13 -16.74 38.12
N ASP B 23 2.76 -17.85 37.73
CA ASP B 23 2.80 -19.07 38.52
C ASP B 23 3.98 -19.01 39.48
N ASP B 24 3.74 -19.33 40.75
CA ASP B 24 4.81 -19.30 41.74
C ASP B 24 4.44 -20.12 42.98
N GLU B 30 8.45 -11.33 39.29
CA GLU B 30 8.11 -10.92 40.64
C GLU B 30 8.20 -9.41 40.76
N GLU B 31 9.41 -8.88 40.55
CA GLU B 31 9.66 -7.44 40.54
C GLU B 31 9.34 -6.83 39.19
N ASN B 32 8.64 -7.58 38.34
CA ASN B 32 8.34 -7.16 36.97
C ASN B 32 7.42 -5.95 36.91
N TRP B 33 6.45 -5.88 37.83
CA TRP B 33 5.36 -4.93 37.72
C TRP B 33 5.53 -3.83 38.74
N SER B 34 5.35 -2.58 38.29
CA SER B 34 5.46 -1.45 39.21
C SER B 34 4.19 -1.39 40.05
N PHE B 35 3.08 -0.99 39.44
CA PHE B 35 1.82 -0.97 40.17
C PHE B 35 0.68 -1.51 39.31
N TYR B 36 -0.21 -2.25 39.97
CA TYR B 36 -1.27 -3.01 39.32
C TYR B 36 -2.58 -2.77 40.08
N PRO B 37 -3.20 -1.60 39.86
CA PRO B 37 -4.42 -1.26 40.60
C PRO B 37 -5.53 -2.29 40.37
N ASN B 38 -6.30 -2.56 41.44
CA ASN B 38 -7.47 -3.42 41.39
C ASN B 38 -7.17 -4.84 40.93
N ALA B 39 -5.89 -5.16 40.74
CA ALA B 39 -5.53 -6.48 40.24
C ALA B 39 -5.76 -7.53 41.31
N VAL B 40 -6.21 -8.71 40.86
CA VAL B 40 -6.49 -9.84 41.74
C VAL B 40 -5.85 -11.07 41.11
N ARG B 41 -5.08 -11.80 41.91
CA ARG B 41 -4.30 -12.96 41.43
C ARG B 41 -5.14 -14.22 41.61
N THR B 42 -5.73 -14.72 40.53
CA THR B 42 -6.57 -15.91 40.64
C THR B 42 -6.25 -16.91 39.54
N ALA B 43 -7.22 -17.78 39.25
CA ALA B 43 -7.09 -18.77 38.20
C ALA B 43 -8.49 -19.20 37.80
N GLY B 44 -8.58 -19.86 36.65
CA GLY B 44 -9.86 -20.38 36.20
C GLY B 44 -10.85 -19.34 35.76
N PHE B 45 -10.39 -18.26 35.14
CA PHE B 45 -11.30 -17.28 34.55
C PHE B 45 -11.42 -17.59 33.07
N CYS B 46 -12.63 -17.95 32.66
CA CYS B 46 -13.00 -18.03 31.26
C CYS B 46 -12.12 -19.04 30.51
N GLY B 47 -11.75 -20.11 31.21
CA GLY B 47 -11.05 -21.22 30.59
C GLY B 47 -9.55 -21.29 30.80
N ASN B 48 -8.97 -20.37 31.56
CA ASN B 48 -7.52 -20.40 31.80
C ASN B 48 -7.22 -21.22 33.03
N PRO B 49 -6.49 -22.33 32.92
CA PRO B 49 -6.16 -23.13 34.11
C PRO B 49 -4.93 -22.63 34.84
N SER B 50 -4.14 -21.73 34.24
CA SER B 50 -2.96 -21.23 34.90
C SER B 50 -3.32 -20.04 35.79
N PHE B 51 -2.38 -19.67 36.66
CA PHE B 51 -2.57 -18.49 37.49
C PHE B 51 -2.39 -17.22 36.65
N HIS B 52 -3.31 -16.27 36.81
CA HIS B 52 -3.33 -15.09 35.98
C HIS B 52 -3.84 -13.90 36.77
N LEU B 53 -3.80 -12.73 36.15
CA LEU B 53 -4.19 -11.49 36.80
C LEU B 53 -5.55 -11.06 36.25
N TYR B 54 -6.39 -10.58 37.15
CA TYR B 54 -7.80 -10.36 36.90
C TYR B 54 -8.16 -8.96 37.38
N TRP B 55 -9.04 -8.29 36.65
CA TRP B 55 -9.59 -7.02 37.09
C TRP B 55 -11.09 -7.23 37.18
N PRO B 56 -11.64 -7.20 38.39
CA PRO B 56 -13.03 -7.60 38.61
C PRO B 56 -14.00 -6.47 38.28
N ASN B 57 -15.27 -6.87 38.19
CA ASN B 57 -16.36 -5.91 38.02
C ASN B 57 -16.61 -5.06 39.26
N LYS B 58 -16.06 -5.46 40.42
CA LYS B 58 -16.25 -4.71 41.67
C LYS B 58 -15.77 -3.26 41.54
N LYS B 59 -14.51 -3.08 41.18
CA LYS B 59 -13.83 -1.78 41.13
C LYS B 59 -13.87 -1.10 42.49
N LYS B 62 -11.64 2.69 43.17
CA LYS B 62 -12.40 3.71 42.47
C LYS B 62 -11.52 4.44 41.44
N THR B 63 -10.65 3.70 40.78
CA THR B 63 -9.68 4.26 39.85
C THR B 63 -9.64 3.44 38.57
N HIS B 64 -8.85 3.94 37.62
CA HIS B 64 -8.57 3.24 36.39
C HIS B 64 -7.89 1.91 36.67
N ASN B 65 -8.51 0.81 36.24
CA ASN B 65 -7.86 -0.49 36.39
C ASN B 65 -6.63 -0.53 35.49
N ALA B 66 -5.53 -1.08 35.99
CA ALA B 66 -4.30 -1.01 35.21
C ALA B 66 -3.30 -2.05 35.67
N LEU B 67 -2.26 -2.19 34.86
CA LEU B 67 -1.10 -3.05 35.14
C LEU B 67 0.10 -2.43 34.44
N SER B 68 1.06 -1.93 35.21
CA SER B 68 2.29 -1.35 34.68
C SER B 68 3.47 -2.25 34.99
N SER B 69 4.59 -1.98 34.33
CA SER B 69 5.82 -2.73 34.50
C SER B 69 6.94 -1.78 34.91
N ARG B 70 8.09 -2.35 35.30
CA ARG B 70 9.23 -1.52 35.65
C ARG B 70 9.81 -0.85 34.40
N GLU B 71 10.74 0.07 34.64
CA GLU B 71 11.47 0.69 33.55
C GLU B 71 12.38 -0.33 32.88
N LEU B 72 12.34 -0.37 31.55
CA LEU B 72 13.05 -1.36 30.77
C LEU B 72 13.87 -0.70 29.67
N ILE B 73 15.13 -1.12 29.54
CA ILE B 73 15.87 -0.93 28.31
C ILE B 73 15.28 -1.82 27.22
N ILE B 74 14.84 -1.19 26.14
CA ILE B 74 14.17 -1.86 25.03
C ILE B 74 14.78 -1.32 23.75
N GLN B 75 15.15 -2.21 22.85
CA GLN B 75 15.85 -1.85 21.64
C GLN B 75 15.06 -2.27 20.41
N PRO B 76 15.29 -1.62 19.27
CA PRO B 76 14.55 -2.00 18.05
C PRO B 76 14.74 -3.46 17.70
N GLY B 77 13.65 -4.08 17.27
CA GLY B 77 13.64 -5.51 17.04
C GLY B 77 13.21 -6.35 18.22
N TYR B 78 12.54 -5.75 19.20
CA TYR B 78 11.97 -6.48 20.32
C TYR B 78 10.50 -6.77 20.08
N MET B 79 9.99 -7.78 20.79
CA MET B 79 8.61 -8.20 20.67
C MET B 79 7.93 -8.22 22.02
N MET B 80 6.60 -8.21 21.96
CA MET B 80 5.74 -8.30 23.13
C MET B 80 4.64 -9.31 22.85
N GLN B 81 4.42 -10.23 23.78
CA GLN B 81 3.44 -11.28 23.58
C GLN B 81 2.72 -11.55 24.90
N PHE B 82 1.40 -11.60 24.85
CA PHE B 82 0.63 -11.86 26.07
C PHE B 82 -0.69 -12.51 25.71
N LYS B 83 -1.41 -12.95 26.73
CA LYS B 83 -2.74 -13.53 26.58
C LYS B 83 -3.70 -12.65 27.35
N ILE B 84 -4.83 -12.33 26.72
CA ILE B 84 -5.75 -11.32 27.25
C ILE B 84 -7.19 -11.78 27.05
N VAL B 85 -8.03 -11.41 28.01
CA VAL B 85 -9.48 -11.44 27.87
C VAL B 85 -10.00 -10.07 28.26
N VAL B 86 -11.01 -9.59 27.55
CA VAL B 86 -11.72 -8.41 28.01
C VAL B 86 -13.02 -8.88 28.61
N GLY B 87 -14.04 -9.12 27.79
CA GLY B 87 -15.29 -9.52 28.38
C GLY B 87 -15.63 -10.94 28.01
N CYS B 88 -15.43 -11.87 28.94
CA CYS B 88 -15.63 -13.28 28.62
C CYS B 88 -17.08 -13.55 28.27
N GLU B 89 -17.33 -14.10 27.09
CA GLU B 89 -18.68 -14.46 26.64
C GLU B 89 -19.56 -13.22 26.57
N ALA B 90 -18.96 -12.09 26.20
CA ALA B 90 -19.65 -10.81 26.15
C ALA B 90 -20.37 -10.66 24.81
N THR B 91 -21.28 -9.70 24.78
CA THR B 91 -22.08 -9.44 23.58
C THR B 91 -21.21 -9.22 22.36
N SER B 92 -21.68 -9.74 21.23
CA SER B 92 -20.90 -9.74 20.00
C SER B 92 -20.85 -8.35 19.39
N CYS B 93 -21.78 -7.48 19.77
CA CYS B 93 -22.01 -6.21 19.10
C CYS B 93 -21.69 -4.99 19.95
N GLY B 94 -21.34 -5.16 21.23
CA GLY B 94 -21.17 -4.03 22.13
C GLY B 94 -19.76 -3.46 22.18
N ASP B 95 -19.69 -2.11 22.16
CA ASP B 95 -18.42 -1.40 22.24
C ASP B 95 -17.76 -1.58 23.59
N LEU B 96 -18.53 -1.50 24.67
CA LEU B 96 -18.11 -1.92 26.01
C LEU B 96 -16.95 -1.05 26.51
N HIS B 97 -15.97 -1.64 27.20
CA HIS B 97 -14.92 -0.90 27.91
C HIS B 97 -13.56 -1.36 27.38
N SER B 98 -12.91 -0.51 26.59
CA SER B 98 -11.68 -0.90 25.93
C SER B 98 -10.49 -0.83 26.89
N VAL B 99 -9.64 -1.84 26.80
CA VAL B 99 -8.38 -1.89 27.53
C VAL B 99 -7.26 -1.43 26.60
N MET B 100 -6.67 -0.27 26.88
CA MET B 100 -5.61 0.27 26.04
C MET B 100 -4.24 -0.20 26.54
N LEU B 101 -3.41 -0.66 25.61
CA LEU B 101 -2.03 -1.03 25.88
C LEU B 101 -1.15 0.13 25.46
N GLU B 102 -0.50 0.76 26.43
CA GLU B 102 0.27 1.98 26.22
C GLU B 102 1.70 1.80 26.68
N TYR B 103 2.55 2.75 26.29
CA TYR B 103 3.96 2.78 26.64
C TYR B 103 4.32 4.16 27.19
N THR B 104 5.45 4.23 27.88
CA THR B 104 5.97 5.51 28.33
C THR B 104 7.48 5.47 28.42
N LYS B 105 8.08 6.66 28.26
CA LYS B 105 9.51 6.85 28.29
C LYS B 105 9.97 7.84 29.36
N ASP B 106 9.09 8.73 29.80
CA ASP B 106 9.35 9.61 30.94
C ASP B 106 8.11 9.46 31.82
N ALA B 107 8.24 8.66 32.88
CA ALA B 107 7.10 8.39 33.74
C ALA B 107 6.73 9.57 34.60
N ARG B 108 7.68 10.46 34.88
CA ARG B 108 7.44 11.55 35.81
C ARG B 108 6.37 12.52 35.31
N SER B 109 6.21 12.63 33.99
CA SER B 109 5.27 13.58 33.41
C SER B 109 3.92 12.97 33.05
N ASP B 110 3.72 11.68 33.32
CA ASP B 110 2.47 11.00 32.99
C ASP B 110 2.12 11.16 31.52
N SER B 111 3.13 10.98 30.67
CA SER B 111 2.99 11.07 29.21
C SER B 111 2.93 9.65 28.69
N TRP B 112 1.72 9.12 28.54
CA TRP B 112 1.49 7.74 28.12
C TRP B 112 0.92 7.75 26.71
N GLN B 113 1.48 6.90 25.84
CA GLN B 113 1.01 6.81 24.46
C GLN B 113 0.84 5.34 24.08
N LEU B 114 -0.04 5.10 23.11
CA LEU B 114 -0.32 3.76 22.64
C LEU B 114 0.88 3.15 21.95
N VAL B 115 1.02 1.83 22.08
CA VAL B 115 2.13 1.11 21.46
C VAL B 115 2.00 1.15 19.94
N GLN B 116 0.83 0.77 19.42
CA GLN B 116 0.53 0.85 17.99
C GLN B 116 -0.76 1.63 17.79
N THR B 117 -0.75 2.51 16.80
CA THR B 117 -1.92 3.26 16.38
C THR B 117 -2.55 2.56 15.18
N GLN B 118 -3.81 2.89 14.90
CA GLN B 118 -4.47 2.35 13.72
C GLN B 118 -3.68 2.71 12.47
N CYS B 119 -3.49 1.73 11.60
CA CYS B 119 -2.80 1.90 10.34
C CYS B 119 -3.80 1.48 9.26
N LEU B 120 -4.57 2.43 8.80
CA LEU B 120 -5.61 2.25 7.80
C LEU B 120 -5.24 2.93 6.49
N PRO B 121 -5.96 2.65 5.41
CA PRO B 121 -5.69 3.36 4.15
C PRO B 121 -5.91 4.86 4.25
N SER B 122 -6.77 5.32 5.16
CA SER B 122 -7.03 6.75 5.27
C SER B 122 -5.92 7.49 6.01
N SER B 123 -5.09 6.78 6.76
CA SER B 123 -4.08 7.42 7.60
C SER B 123 -2.77 7.60 6.85
N SER B 124 -2.04 8.65 7.22
CA SER B 124 -0.69 8.87 6.72
C SER B 124 0.28 7.96 7.45
N ASN B 125 1.45 7.78 6.85
CA ASN B 125 2.50 6.96 7.46
C ASN B 125 3.28 7.78 8.48
N SER B 126 3.02 7.52 9.74
CA SER B 126 3.69 8.17 10.86
C SER B 126 4.74 7.20 11.41
N ILE B 127 5.08 7.34 12.69
CA ILE B 127 6.03 6.43 13.30
C ILE B 127 5.44 5.02 13.38
N GLY B 128 4.21 4.90 13.87
CA GLY B 128 3.62 3.58 14.05
C GLY B 128 3.17 2.92 12.77
N CYS B 129 2.63 3.70 11.83
CA CYS B 129 1.95 3.15 10.67
C CYS B 129 2.92 3.06 9.50
N SER B 130 3.16 1.83 9.00
CA SER B 130 3.98 1.54 7.83
C SER B 130 3.14 1.49 6.57
N PRO B 131 3.75 1.56 5.38
CA PRO B 131 2.96 1.71 4.14
C PRO B 131 1.96 0.59 3.87
N PHE B 132 2.39 -0.66 3.84
CA PHE B 132 1.50 -1.73 3.42
C PHE B 132 1.10 -2.67 4.55
N GLN B 133 1.66 -2.50 5.73
CA GLN B 133 1.22 -3.24 6.92
C GLN B 133 0.03 -2.52 7.53
N PHE B 134 -1.18 -2.93 7.14
CA PHE B 134 -2.40 -2.35 7.68
C PHE B 134 -2.75 -3.08 8.98
N HIS B 135 -2.82 -2.34 10.08
CA HIS B 135 -3.14 -2.93 11.37
C HIS B 135 -4.08 -2.00 12.15
N GLU B 136 -4.46 -2.45 13.34
CA GLU B 136 -5.29 -1.71 14.26
C GLU B 136 -4.41 -1.13 15.37
N ALA B 137 -5.04 -0.41 16.30
CA ALA B 137 -4.30 0.03 17.47
C ALA B 137 -4.21 -1.10 18.49
N THR B 138 -3.47 -0.83 19.56
CA THR B 138 -3.31 -1.81 20.64
C THR B 138 -4.30 -1.50 21.77
N ILE B 139 -5.58 -1.53 21.42
CA ILE B 139 -6.67 -1.50 22.39
C ILE B 139 -7.51 -2.76 22.17
N TYR B 140 -7.95 -3.36 23.27
CA TYR B 140 -8.56 -4.68 23.25
C TYR B 140 -9.93 -4.61 23.91
N ASN B 141 -10.92 -5.17 23.24
CA ASN B 141 -12.32 -4.99 23.61
C ASN B 141 -13.03 -6.34 23.65
N ALA B 142 -14.24 -6.33 24.21
CA ALA B 142 -15.09 -7.50 24.17
C ALA B 142 -15.45 -7.90 22.74
N VAL B 143 -15.39 -6.95 21.80
CA VAL B 143 -15.62 -7.28 20.39
C VAL B 143 -14.58 -8.27 19.90
N ASN B 144 -13.34 -8.12 20.35
CA ASN B 144 -12.21 -8.93 19.90
C ASN B 144 -11.88 -10.05 20.87
N SER B 145 -11.88 -9.74 22.17
CA SER B 145 -11.31 -10.60 23.19
C SER B 145 -12.36 -11.22 24.09
N SER B 146 -13.51 -11.60 23.54
CA SER B 146 -14.47 -12.39 24.31
C SER B 146 -13.88 -13.72 24.77
N SER B 147 -12.86 -14.23 24.07
CA SER B 147 -12.12 -15.41 24.46
C SER B 147 -10.67 -15.04 24.75
N TRP B 148 -9.99 -15.91 25.51
CA TRP B 148 -8.55 -15.75 25.72
C TRP B 148 -7.82 -15.71 24.39
N LYS B 149 -7.24 -14.57 24.06
CA LYS B 149 -6.51 -14.40 22.82
C LYS B 149 -5.05 -14.10 23.10
N ARG B 150 -4.17 -14.57 22.21
CA ARG B 150 -2.75 -14.32 22.34
C ARG B 150 -2.35 -13.22 21.35
N ILE B 151 -1.87 -12.11 21.88
CA ILE B 151 -1.41 -10.98 21.09
C ILE B 151 0.10 -11.05 20.98
N THR B 152 0.61 -10.87 19.76
CA THR B 152 2.04 -10.83 19.50
C THR B 152 2.34 -9.57 18.69
N ILE B 153 3.36 -8.83 19.10
CA ILE B 153 3.64 -7.50 18.57
C ILE B 153 5.13 -7.40 18.26
N GLN B 154 5.44 -7.08 17.00
CA GLN B 154 6.76 -6.59 16.60
C GLN B 154 6.85 -5.13 17.05
N LEU B 155 7.54 -4.89 18.15
CA LEU B 155 7.50 -3.57 18.77
C LEU B 155 8.08 -2.53 17.82
N PRO B 156 7.43 -1.37 17.68
CA PRO B 156 7.93 -0.33 16.78
C PRO B 156 9.17 0.34 17.35
N ASP B 157 9.86 1.07 16.47
CA ASP B 157 11.08 1.75 16.90
C ASP B 157 10.79 2.95 17.79
N HIS B 158 9.59 3.52 17.73
CA HIS B 158 9.30 4.65 18.61
C HIS B 158 9.10 4.23 20.05
N VAL B 159 8.95 2.93 20.33
CA VAL B 159 8.83 2.47 21.71
C VAL B 159 10.18 2.38 22.40
N SER B 160 11.23 2.05 21.66
CA SER B 160 12.53 1.74 22.26
C SER B 160 13.09 2.95 23.01
N SER B 161 13.69 2.67 24.17
CA SER B 161 14.33 3.69 25.01
C SER B 161 15.16 2.98 26.06
N SER B 162 15.85 3.78 26.88
CA SER B 162 16.66 3.23 27.96
C SER B 162 15.82 2.85 29.17
N ALA B 163 14.65 3.47 29.33
CA ALA B 163 13.74 3.15 30.42
C ALA B 163 12.31 3.34 29.90
N THR B 164 11.82 2.32 29.20
CA THR B 164 10.46 2.29 28.71
C THR B 164 9.65 1.34 29.57
N GLN B 165 8.45 1.77 29.98
CA GLN B 165 7.55 0.89 30.71
C GLN B 165 6.19 0.86 30.02
N PHE B 166 5.58 -0.32 29.98
CA PHE B 166 4.27 -0.48 29.39
C PHE B 166 3.19 -0.63 30.45
N ARG B 167 1.95 -0.46 30.02
CA ARG B 167 0.82 -0.63 30.93
C ARG B 167 -0.43 -1.01 30.14
N TRP B 168 -1.29 -1.75 30.80
CA TRP B 168 -2.62 -2.09 30.30
C TRP B 168 -3.62 -1.38 31.19
N ILE B 169 -4.41 -0.47 30.62
CA ILE B 169 -5.28 0.38 31.43
C ILE B 169 -6.70 0.39 30.86
N GLN B 170 -7.67 0.35 31.75
CA GLN B 170 -9.11 0.49 31.47
C GLN B 170 -9.53 1.87 32.00
N LYS B 171 -9.44 2.87 31.14
CA LYS B 171 -9.68 4.25 31.56
C LYS B 171 -11.15 4.49 31.81
N GLY B 172 -11.60 4.21 33.02
CA GLY B 172 -12.98 4.42 33.42
C GLY B 172 -13.14 4.87 34.85
N GLU B 173 -13.56 6.12 35.05
CA GLU B 173 -13.76 6.63 36.40
C GLU B 173 -14.91 5.92 37.12
N GLU B 174 -15.85 5.36 36.36
CA GLU B 174 -17.00 4.67 36.95
C GLU B 174 -16.56 3.41 37.67
N THR B 175 -17.40 2.98 38.61
CA THR B 175 -17.15 1.79 39.40
C THR B 175 -17.81 0.55 38.82
N GLU B 176 -18.34 0.63 37.60
CA GLU B 176 -19.12 -0.45 36.99
C GLU B 176 -18.58 -0.70 35.58
N LYS B 177 -17.64 -1.61 35.47
CA LYS B 177 -17.00 -1.96 34.22
C LYS B 177 -16.90 -3.47 34.17
N GLN B 178 -16.59 -4.01 33.00
CA GLN B 178 -16.48 -5.46 32.94
C GLN B 178 -15.07 -5.93 33.28
N SER B 179 -15.00 -7.18 33.72
CA SER B 179 -13.75 -7.81 34.10
C SER B 179 -12.81 -7.87 32.92
N TRP B 180 -11.54 -8.19 33.20
CA TRP B 180 -10.59 -8.51 32.14
C TRP B 180 -9.38 -9.18 32.76
N ALA B 181 -8.59 -9.86 31.94
CA ALA B 181 -7.51 -10.69 32.47
C ALA B 181 -6.28 -10.69 31.58
N ILE B 182 -5.13 -10.91 32.21
CA ILE B 182 -3.82 -10.97 31.57
C ILE B 182 -3.10 -12.23 32.06
N ASP B 183 -2.35 -12.85 31.15
CA ASP B 183 -1.56 -14.04 31.47
C ASP B 183 -0.43 -14.18 30.46
N HIS B 184 0.62 -14.90 30.86
CA HIS B 184 1.74 -15.27 29.98
C HIS B 184 2.33 -14.07 29.25
N VAL B 185 2.95 -13.18 30.02
CA VAL B 185 3.53 -11.96 29.46
C VAL B 185 5.02 -12.19 29.14
N TYR B 186 5.43 -11.77 27.94
CA TYR B 186 6.84 -11.74 27.55
C TYR B 186 7.10 -10.47 26.77
N ILE B 187 8.08 -9.69 27.23
CA ILE B 187 8.59 -8.53 26.52
C ILE B 187 10.08 -8.71 26.43
N GLY B 188 10.62 -8.71 25.20
CA GLY B 188 12.07 -8.90 25.10
C GLY B 188 12.53 -9.09 23.67
N GLU B 189 13.65 -9.82 23.53
CA GLU B 189 14.22 -10.07 22.22
C GLU B 189 13.24 -10.82 21.32
N ALA B 190 13.27 -10.46 20.03
CA ALA B 190 12.43 -11.12 19.04
C ALA B 190 12.88 -12.56 18.86
N CYS B 191 11.95 -13.47 18.99
CA CYS B 191 12.15 -14.89 18.81
C CYS B 191 11.95 -15.28 17.35
N PRO B 192 12.53 -16.41 16.90
CA PRO B 192 12.59 -16.68 15.44
C PRO B 192 11.26 -16.54 14.72
N LYS B 193 11.18 -15.59 13.78
CA LYS B 193 9.97 -15.36 12.99
C LYS B 193 8.76 -15.04 13.88
N LEU B 194 9.03 -14.45 15.05
CA LEU B 194 8.00 -14.16 16.06
C LEU B 194 7.21 -15.41 16.41
N CYS B 195 7.84 -16.57 16.26
CA CYS B 195 7.28 -17.88 16.55
C CYS B 195 6.13 -18.24 15.63
N SER B 196 5.90 -17.45 14.58
CA SER B 196 4.95 -17.79 13.50
C SER B 196 3.51 -17.88 13.97
N GLY B 197 3.19 -17.34 15.15
CA GLY B 197 1.83 -17.40 15.62
C GLY B 197 1.39 -18.75 16.12
N HIS B 198 2.31 -19.72 16.21
CA HIS B 198 2.00 -21.08 16.66
C HIS B 198 2.82 -21.48 17.87
N GLY B 199 3.36 -20.50 18.61
CA GLY B 199 4.14 -20.78 19.80
C GLY B 199 4.23 -19.53 20.66
N TYR B 200 4.66 -19.73 21.90
CA TYR B 200 4.89 -18.64 22.85
C TYR B 200 6.36 -18.63 23.22
N CYS B 201 6.93 -17.44 23.35
CA CYS B 201 8.35 -17.30 23.63
C CYS B 201 8.64 -17.08 25.12
N THR B 202 9.81 -17.56 25.55
CA THR B 202 10.18 -17.59 26.96
C THR B 202 11.55 -16.91 27.12
N THR B 203 12.13 -16.96 28.32
CA THR B 203 13.44 -16.35 28.59
C THR B 203 14.52 -16.96 27.69
N GLY B 204 15.38 -16.10 27.16
CA GLY B 204 16.46 -16.54 26.31
C GLY B 204 16.11 -16.70 24.85
N ALA B 205 14.97 -16.14 24.42
CA ALA B 205 14.54 -16.19 23.02
C ALA B 205 14.39 -17.63 22.54
N VAL B 206 13.81 -18.47 23.38
CA VAL B 206 13.49 -19.85 23.02
C VAL B 206 11.98 -19.95 22.97
N CYS B 207 11.48 -20.68 21.98
CA CYS B 207 10.07 -20.68 21.64
C CYS B 207 9.48 -22.04 21.94
N ILE B 208 8.46 -22.09 22.80
CA ILE B 208 7.73 -23.32 23.08
C ILE B 208 6.46 -23.31 22.25
N CYS B 209 6.34 -24.30 21.36
CA CYS B 209 5.29 -24.30 20.36
C CYS B 209 3.98 -24.83 20.93
N ASP B 210 2.89 -24.55 20.22
CA ASP B 210 1.61 -25.15 20.57
C ASP B 210 1.57 -26.61 20.13
N GLU B 211 0.41 -27.24 20.30
CA GLU B 211 0.26 -28.64 19.91
C GLU B 211 0.35 -28.79 18.40
N SER B 212 1.07 -29.83 17.98
CA SER B 212 1.18 -30.24 16.58
C SER B 212 1.94 -29.23 15.72
N PHE B 213 2.70 -28.33 16.35
CA PHE B 213 3.59 -27.43 15.63
C PHE B 213 5.00 -27.61 16.17
N GLN B 214 5.98 -27.64 15.28
CA GLN B 214 7.36 -27.94 15.66
C GLN B 214 8.31 -27.05 14.91
N GLY B 215 9.57 -27.08 15.33
CA GLY B 215 10.63 -26.29 14.75
C GLY B 215 11.10 -25.21 15.70
N ASP B 216 12.26 -24.64 15.36
CA ASP B 216 12.81 -23.54 16.15
C ASP B 216 11.90 -22.32 16.10
N ASP B 217 11.13 -22.17 15.02
CA ASP B 217 10.18 -21.07 14.89
C ASP B 217 8.73 -21.55 14.94
N CYS B 218 8.49 -22.85 15.14
CA CYS B 218 7.15 -23.42 15.24
C CYS B 218 6.32 -23.16 13.98
N SER B 219 6.99 -23.11 12.83
CA SER B 219 6.29 -22.91 11.57
C SER B 219 5.83 -24.22 10.94
N VAL B 220 6.49 -25.32 11.26
CA VAL B 220 6.20 -26.61 10.63
C VAL B 220 4.95 -27.20 11.25
N PHE B 221 3.90 -27.33 10.45
CA PHE B 221 2.69 -28.01 10.89
C PHE B 221 2.86 -29.52 10.75
N SER B 222 2.57 -30.25 11.83
CA SER B 222 2.70 -31.69 11.79
C SER B 222 1.79 -32.29 10.73
N HIS B 223 0.57 -31.81 10.63
CA HIS B 223 -0.42 -32.35 9.72
C HIS B 223 -0.26 -31.75 8.32
N GLU B 224 -1.09 -32.23 7.41
CA GLU B 224 -1.21 -31.67 6.07
C GLU B 224 -2.41 -30.72 6.08
N LEU B 225 -2.39 -29.77 5.18
CA LEU B 225 -3.40 -28.73 5.18
C LEU B 225 -4.33 -28.86 4.00
N PRO B 226 -5.51 -28.24 4.05
CA PRO B 226 -6.42 -28.30 2.91
C PRO B 226 -5.73 -27.81 1.65
N SER B 227 -6.10 -28.41 0.53
CA SER B 227 -5.38 -28.13 -0.71
C SER B 227 -5.76 -26.76 -1.25
N TYR B 228 -7.05 -26.45 -1.26
CA TYR B 228 -7.56 -25.20 -1.78
C TYR B 228 -8.97 -25.03 -1.24
N ILE B 229 -9.45 -23.79 -1.27
CA ILE B 229 -10.77 -23.47 -0.76
C ILE B 229 -11.68 -23.19 -1.95
N LYS B 230 -12.82 -23.87 -1.97
CA LYS B 230 -13.88 -23.61 -2.94
C LYS B 230 -15.15 -23.46 -2.14
N ASP B 231 -15.91 -22.40 -2.40
CA ASP B 231 -17.08 -22.15 -1.56
C ASP B 231 -18.04 -21.22 -2.26
N ASN B 232 -19.17 -21.76 -2.70
CA ASN B 232 -20.39 -21.01 -2.92
C ASN B 232 -21.25 -21.25 -1.70
N PHE B 233 -21.72 -20.17 -1.09
CA PHE B 233 -22.23 -20.23 0.27
C PHE B 233 -23.68 -20.71 0.29
N GLU B 234 -23.87 -21.88 -0.32
CA GLU B 234 -25.16 -22.52 -0.42
C GLU B 234 -25.29 -23.74 0.50
N SER B 235 -24.28 -23.99 1.33
CA SER B 235 -24.34 -25.03 2.35
C SER B 235 -23.60 -24.53 3.58
N ALA B 236 -24.27 -24.55 4.72
CA ALA B 236 -23.67 -24.01 5.94
C ALA B 236 -22.46 -24.82 6.37
N ARG B 237 -22.54 -26.15 6.28
CA ARG B 237 -21.50 -27.00 6.83
C ARG B 237 -20.19 -26.84 6.04
N VAL B 238 -20.29 -26.72 4.71
CA VAL B 238 -19.10 -26.53 3.89
C VAL B 238 -18.41 -25.22 4.25
N THR B 239 -19.18 -24.17 4.54
CA THR B 239 -18.56 -22.90 4.92
C THR B 239 -17.94 -22.99 6.31
N GLU B 240 -18.57 -23.72 7.23
CA GLU B 240 -17.96 -23.94 8.54
C GLU B 240 -16.66 -24.72 8.42
N ALA B 241 -16.55 -25.61 7.43
CA ALA B 241 -15.29 -26.32 7.20
C ALA B 241 -14.26 -25.43 6.51
N ASN B 242 -14.71 -24.55 5.63
CA ASN B 242 -13.79 -23.78 4.79
C ASN B 242 -13.16 -22.62 5.54
N TRP B 243 -13.93 -21.94 6.38
CA TRP B 243 -13.49 -20.69 6.99
C TRP B 243 -13.18 -20.89 8.46
N GLU B 244 -12.20 -20.16 8.96
CA GLU B 244 -11.86 -20.22 10.38
C GLU B 244 -12.62 -19.18 11.18
N THR B 245 -12.66 -17.93 10.70
CA THR B 245 -13.36 -16.87 11.41
C THR B 245 -14.28 -16.15 10.45
N ILE B 246 -15.53 -15.97 10.85
CA ILE B 246 -16.50 -15.16 10.10
C ILE B 246 -17.23 -14.28 11.11
N GLN B 247 -16.99 -12.97 11.04
CA GLN B 247 -17.50 -12.02 12.01
C GLN B 247 -18.26 -10.93 11.27
N GLY B 248 -19.46 -10.60 11.77
CA GLY B 248 -20.24 -9.53 11.19
C GLY B 248 -20.96 -9.87 9.90
N GLY B 249 -20.95 -11.13 9.50
CA GLY B 249 -21.61 -11.52 8.26
C GLY B 249 -22.11 -12.94 8.35
N VAL B 250 -23.20 -13.21 7.64
CA VAL B 250 -23.83 -14.52 7.67
C VAL B 250 -24.15 -14.91 6.24
N ILE B 251 -24.40 -16.20 6.04
CA ILE B 251 -24.90 -16.66 4.75
C ILE B 251 -26.31 -16.12 4.56
N GLY B 252 -26.48 -15.26 3.56
CA GLY B 252 -27.74 -14.59 3.32
C GLY B 252 -27.78 -14.00 1.94
N SER B 253 -28.76 -13.13 1.72
CA SER B 253 -28.98 -12.53 0.42
C SER B 253 -29.34 -11.05 0.56
N GLY B 254 -28.67 -10.36 1.47
CA GLY B 254 -29.01 -8.97 1.73
C GLY B 254 -28.79 -8.08 0.52
N CYS B 255 -27.77 -8.37 -0.27
CA CYS B 255 -27.46 -7.59 -1.45
C CYS B 255 -28.04 -8.21 -2.71
N GLY B 256 -28.84 -9.28 -2.57
CA GLY B 256 -29.44 -9.96 -3.70
C GLY B 256 -28.61 -11.15 -4.12
N GLN B 257 -29.04 -11.79 -5.21
CA GLN B 257 -28.17 -12.77 -5.85
C GLN B 257 -26.93 -12.04 -6.29
N LEU B 258 -25.77 -12.50 -5.83
CA LEU B 258 -24.62 -11.61 -5.75
C LEU B 258 -24.34 -10.96 -7.09
N ALA B 259 -24.37 -11.73 -8.18
CA ALA B 259 -23.93 -11.12 -9.42
C ALA B 259 -24.58 -11.72 -10.65
N PRO B 260 -24.25 -11.21 -11.84
CA PRO B 260 -24.37 -12.05 -13.04
C PRO B 260 -23.43 -13.23 -12.96
N TYR B 261 -22.28 -13.04 -12.30
CA TYR B 261 -21.21 -14.01 -12.15
C TYR B 261 -21.47 -15.04 -11.06
N ALA B 262 -22.46 -14.83 -10.19
CA ALA B 262 -22.65 -15.72 -9.06
C ALA B 262 -24.12 -15.87 -8.77
N HIS B 263 -24.45 -16.76 -7.83
CA HIS B 263 -25.85 -17.04 -7.60
C HIS B 263 -26.05 -17.55 -6.18
N GLY B 264 -27.29 -17.44 -5.71
CA GLY B 264 -27.69 -18.03 -4.44
C GLY B 264 -27.20 -17.22 -3.25
N ASP B 265 -27.26 -17.87 -2.09
N ASP B 265 -27.26 -17.87 -2.09
CA ASP B 265 -26.80 -17.31 -0.84
CA ASP B 265 -26.80 -17.31 -0.84
C ASP B 265 -25.32 -16.94 -0.93
C ASP B 265 -25.32 -16.94 -0.93
N SER B 266 -24.96 -15.83 -0.30
CA SER B 266 -23.59 -15.34 -0.28
C SER B 266 -23.24 -14.94 1.15
N LEU B 267 -21.95 -14.64 1.36
CA LEU B 267 -21.55 -14.08 2.64
C LEU B 267 -21.91 -12.62 2.64
N TYR B 268 -22.89 -12.25 3.46
CA TYR B 268 -23.47 -10.92 3.50
C TYR B 268 -23.10 -10.29 4.83
N PHE B 269 -22.51 -9.10 4.78
CA PHE B 269 -21.95 -8.48 5.97
C PHE B 269 -22.80 -7.28 6.35
N ASN B 270 -23.76 -7.52 7.25
CA ASN B 270 -24.57 -6.47 7.83
C ASN B 270 -24.23 -6.21 9.28
N GLY B 271 -23.47 -7.09 9.91
CA GLY B 271 -23.25 -6.99 11.34
C GLY B 271 -22.53 -5.71 11.72
N CYS B 272 -22.72 -5.32 12.97
CA CYS B 272 -22.00 -4.20 13.52
C CYS B 272 -20.53 -4.57 13.73
N GLN B 273 -19.69 -3.54 13.88
CA GLN B 273 -18.30 -3.71 14.31
C GLN B 273 -17.57 -4.58 13.28
N ILE B 274 -16.70 -5.50 13.70
CA ILE B 274 -15.73 -6.09 12.78
C ILE B 274 -16.45 -6.98 11.76
N ARG B 275 -16.14 -6.75 10.49
CA ARG B 275 -16.67 -7.53 9.37
C ARG B 275 -15.48 -8.22 8.68
N GLN B 276 -15.42 -9.54 8.83
CA GLN B 276 -14.23 -10.32 8.52
C GLN B 276 -14.61 -11.72 8.05
N ALA B 277 -13.86 -12.23 7.08
CA ALA B 277 -13.98 -13.61 6.62
C ALA B 277 -12.57 -14.13 6.36
N ALA B 278 -12.07 -14.97 7.26
CA ALA B 278 -10.72 -15.48 7.19
C ALA B 278 -10.76 -17.00 7.15
N THR B 279 -10.06 -17.56 6.16
CA THR B 279 -10.06 -18.98 5.86
C THR B 279 -9.38 -19.77 6.97
N LYS B 280 -9.40 -21.09 6.80
CA LYS B 280 -8.58 -21.99 7.58
C LYS B 280 -7.14 -21.87 7.09
N PRO B 281 -6.18 -22.47 7.79
CA PRO B 281 -4.81 -22.51 7.25
C PRO B 281 -4.76 -23.37 5.99
N LEU B 282 -4.12 -22.85 4.94
CA LEU B 282 -4.03 -23.53 3.66
C LEU B 282 -2.57 -23.74 3.27
N ASP B 283 -2.38 -24.69 2.34
CA ASP B 283 -1.09 -24.97 1.71
C ASP B 283 -1.21 -24.48 0.27
N LEU B 284 -0.64 -23.31 -0.02
CA LEU B 284 -0.76 -22.67 -1.33
C LEU B 284 0.49 -22.80 -2.17
N THR B 285 1.33 -23.82 -1.93
CA THR B 285 2.52 -23.99 -2.77
C THR B 285 2.13 -24.26 -4.22
N ARG B 286 1.04 -25.01 -4.44
CA ARG B 286 0.56 -25.30 -5.78
C ARG B 286 -0.62 -24.41 -6.18
N ALA B 287 -0.86 -23.31 -5.46
CA ALA B 287 -1.96 -22.42 -5.79
C ALA B 287 -1.57 -21.45 -6.90
N SER B 288 -2.47 -21.23 -7.85
CA SER B 288 -2.26 -20.37 -9.00
C SER B 288 -3.01 -19.05 -8.89
N LYS B 289 -4.32 -19.11 -8.63
CA LYS B 289 -5.16 -17.92 -8.63
C LYS B 289 -6.11 -17.96 -7.43
N ILE B 290 -6.47 -16.76 -6.97
CA ILE B 290 -7.55 -16.56 -6.01
C ILE B 290 -8.66 -15.82 -6.77
N MET B 291 -9.82 -16.46 -6.89
CA MET B 291 -10.93 -15.85 -7.59
C MET B 291 -12.11 -15.74 -6.64
N PHE B 292 -12.93 -14.71 -6.87
CA PHE B 292 -14.18 -14.59 -6.14
C PHE B 292 -15.07 -13.58 -6.86
N VAL B 293 -16.28 -13.42 -6.36
CA VAL B 293 -17.22 -12.42 -6.84
C VAL B 293 -17.56 -11.55 -5.65
N LEU B 294 -17.47 -10.25 -5.84
CA LEU B 294 -17.63 -9.29 -4.75
C LEU B 294 -18.59 -8.19 -5.15
N GLN B 295 -19.38 -7.74 -4.17
CA GLN B 295 -20.20 -6.55 -4.34
C GLN B 295 -20.10 -5.74 -3.07
N ILE B 296 -19.98 -4.42 -3.21
CA ILE B 296 -19.95 -3.49 -2.08
C ILE B 296 -21.04 -2.47 -2.36
N GLY B 297 -22.19 -2.63 -1.71
CA GLY B 297 -23.32 -1.78 -1.97
C GLY B 297 -24.09 -2.26 -3.18
N SER B 298 -25.10 -1.48 -3.56
CA SER B 298 -25.94 -1.79 -4.70
C SER B 298 -26.37 -0.49 -5.34
N PRO B 299 -26.67 -0.49 -6.64
CA PRO B 299 -27.15 0.75 -7.26
C PRO B 299 -28.42 1.30 -6.63
N ALA B 300 -29.28 0.46 -6.08
CA ALA B 300 -30.51 0.95 -5.44
C ALA B 300 -30.24 1.65 -4.13
N GLN B 301 -29.14 1.29 -3.45
CA GLN B 301 -28.80 1.79 -2.12
C GLN B 301 -29.97 1.58 -1.15
N THR B 302 -30.35 0.33 -0.99
CA THR B 302 -31.30 0.01 0.07
C THR B 302 -30.54 -0.11 1.38
N ASP B 303 -31.25 0.02 2.50
CA ASP B 303 -30.55 -0.13 3.76
C ASP B 303 -30.05 -1.56 3.95
N SER B 304 -30.63 -2.54 3.25
CA SER B 304 -30.09 -3.90 3.29
C SER B 304 -28.74 -3.97 2.60
N CYS B 305 -28.46 -3.06 1.66
CA CYS B 305 -27.24 -3.08 0.87
C CYS B 305 -27.00 -1.67 0.34
N ASN B 306 -26.06 -0.95 0.96
CA ASN B 306 -25.84 0.44 0.60
C ASN B 306 -24.35 0.79 0.71
N SER B 307 -23.99 1.91 0.10
CA SER B 307 -22.63 2.43 0.17
C SER B 307 -22.67 3.93 -0.02
N ASP B 308 -21.97 4.66 0.84
CA ASP B 308 -21.86 6.11 0.75
C ASP B 308 -20.52 6.44 0.09
N LEU B 309 -20.58 6.81 -1.18
CA LEU B 309 -19.38 7.13 -1.96
C LEU B 309 -18.94 8.58 -1.80
N SER B 310 -19.63 9.36 -0.96
CA SER B 310 -19.31 10.77 -0.81
C SER B 310 -18.29 11.05 0.30
N GLY B 311 -18.24 10.21 1.33
CA GLY B 311 -17.36 10.45 2.45
C GLY B 311 -15.90 10.41 2.08
N PRO B 312 -15.08 11.20 2.79
CA PRO B 312 -13.64 11.19 2.52
C PRO B 312 -12.93 9.98 3.11
N HIS B 313 -13.52 9.30 4.08
CA HIS B 313 -12.96 8.09 4.64
C HIS B 313 -13.48 6.85 3.94
N THR B 314 -14.06 7.03 2.76
CA THR B 314 -14.62 5.92 2.01
C THR B 314 -13.58 4.86 1.70
N VAL B 315 -12.31 5.26 1.62
CA VAL B 315 -11.25 4.32 1.33
C VAL B 315 -11.15 3.27 2.43
N ASP B 316 -11.52 3.63 3.66
CA ASP B 316 -11.54 2.68 4.76
C ASP B 316 -12.71 1.71 4.68
N LYS B 317 -13.74 2.07 3.94
CA LYS B 317 -14.93 1.25 3.79
C LYS B 317 -14.80 0.23 2.68
N ALA B 318 -13.58 0.04 2.16
CA ALA B 318 -13.29 -0.93 1.13
C ALA B 318 -13.08 -2.32 1.73
N VAL B 319 -13.23 -3.34 0.89
CA VAL B 319 -12.97 -4.72 1.29
C VAL B 319 -11.53 -5.06 0.90
N LEU B 320 -10.69 -5.32 1.90
CA LEU B 320 -9.30 -5.65 1.69
C LEU B 320 -9.14 -7.16 1.61
N LEU B 321 -8.44 -7.62 0.57
CA LEU B 321 -8.00 -9.00 0.46
C LEU B 321 -6.56 -9.08 0.96
N GLN B 322 -6.31 -9.95 1.93
CA GLN B 322 -5.01 -10.02 2.58
C GLN B 322 -4.62 -11.47 2.80
N TYR B 323 -3.32 -11.67 2.99
CA TYR B 323 -2.77 -12.97 3.37
C TYR B 323 -1.84 -12.79 4.55
N SER B 324 -1.70 -13.86 5.32
CA SER B 324 -0.84 -13.85 6.51
C SER B 324 -0.11 -15.17 6.62
N VAL B 325 1.19 -15.09 6.89
CA VAL B 325 2.02 -16.25 7.15
C VAL B 325 2.39 -16.33 8.63
N ASN B 326 1.85 -15.43 9.45
CA ASN B 326 2.14 -15.36 10.88
C ASN B 326 0.96 -15.80 11.73
N ASN B 327 -0.01 -16.49 11.13
CA ASN B 327 -1.22 -16.94 11.83
C ASN B 327 -1.98 -15.73 12.38
N GLY B 328 -1.82 -14.59 11.72
CA GLY B 328 -2.57 -13.39 12.06
C GLY B 328 -1.75 -12.28 12.68
N ILE B 329 -0.46 -12.49 12.92
CA ILE B 329 0.36 -11.43 13.53
C ILE B 329 0.54 -10.28 12.55
N THR B 330 0.75 -10.58 11.27
CA THR B 330 0.96 -9.56 10.26
C THR B 330 0.20 -9.93 9.01
N TRP B 331 -0.51 -8.96 8.43
CA TRP B 331 -1.29 -9.16 7.22
C TRP B 331 -0.73 -8.32 6.09
N HIS B 332 -0.69 -8.89 4.88
CA HIS B 332 -0.19 -8.22 3.70
C HIS B 332 -1.27 -8.17 2.64
N VAL B 333 -1.30 -7.07 1.89
CA VAL B 333 -2.40 -6.80 0.97
C VAL B 333 -2.14 -7.50 -0.35
N ILE B 334 -3.14 -8.25 -0.82
CA ILE B 334 -3.16 -8.74 -2.19
C ILE B 334 -3.90 -7.76 -3.10
N ALA B 335 -5.06 -7.27 -2.65
CA ALA B 335 -5.85 -6.34 -3.43
C ALA B 335 -6.79 -5.58 -2.51
N GLN B 336 -7.12 -4.35 -2.91
CA GLN B 336 -8.08 -3.51 -2.21
C GLN B 336 -9.26 -3.25 -3.15
N HIS B 337 -10.46 -3.33 -2.61
CA HIS B 337 -11.69 -3.22 -3.41
C HIS B 337 -12.50 -2.02 -2.95
N GLN B 338 -12.41 -0.92 -3.69
CA GLN B 338 -13.11 0.29 -3.34
C GLN B 338 -14.62 0.12 -3.54
N PRO B 339 -15.43 0.74 -2.70
CA PRO B 339 -16.89 0.65 -2.89
C PRO B 339 -17.37 1.23 -4.21
N LYS B 340 -16.61 2.15 -4.81
CA LYS B 340 -17.03 2.73 -6.09
C LYS B 340 -17.09 1.68 -7.18
N ASP B 341 -16.12 0.76 -7.19
CA ASP B 341 -15.92 -0.16 -8.30
C ASP B 341 -16.73 -1.44 -8.16
N PHE B 342 -17.42 -1.64 -7.05
CA PHE B 342 -18.14 -2.88 -6.81
C PHE B 342 -19.58 -2.64 -6.38
N THR B 343 -20.15 -1.49 -6.79
CA THR B 343 -21.58 -1.29 -6.60
C THR B 343 -22.37 -2.28 -7.41
N GLN B 344 -21.85 -2.67 -8.58
CA GLN B 344 -22.37 -3.78 -9.36
C GLN B 344 -21.37 -4.91 -9.18
N ALA B 345 -21.87 -6.09 -8.81
CA ALA B 345 -20.98 -7.16 -8.41
C ALA B 345 -20.06 -7.54 -9.55
N GLN B 346 -18.81 -7.81 -9.21
CA GLN B 346 -17.78 -8.08 -10.20
C GLN B 346 -17.00 -9.34 -9.82
N ARG B 347 -16.53 -10.05 -10.83
CA ARG B 347 -15.66 -11.20 -10.61
C ARG B 347 -14.21 -10.74 -10.72
N VAL B 348 -13.41 -11.14 -9.74
CA VAL B 348 -12.01 -10.76 -9.75
C VAL B 348 -11.16 -11.99 -9.51
N SER B 349 -9.94 -11.93 -10.04
CA SER B 349 -8.97 -13.02 -9.96
C SER B 349 -7.58 -12.41 -9.82
N TYR B 350 -6.83 -12.89 -8.83
CA TYR B 350 -5.49 -12.40 -8.54
C TYR B 350 -4.53 -13.56 -8.42
N ASN B 351 -3.28 -13.33 -8.80
CA ASN B 351 -2.25 -14.35 -8.58
C ASN B 351 -1.87 -14.40 -7.11
N VAL B 352 -1.67 -15.60 -6.60
CA VAL B 352 -1.19 -15.80 -5.25
C VAL B 352 0.25 -15.30 -5.18
N PRO B 353 0.58 -14.33 -4.32
CA PRO B 353 1.94 -13.80 -4.29
C PRO B 353 2.96 -14.87 -3.93
N LEU B 354 4.18 -14.69 -4.44
CA LEU B 354 5.24 -15.67 -4.21
C LEU B 354 5.48 -15.87 -2.72
N GLU B 355 5.47 -14.78 -1.96
CA GLU B 355 5.62 -14.88 -0.52
C GLU B 355 4.49 -15.66 0.13
N ALA B 356 3.33 -15.73 -0.51
CA ALA B 356 2.17 -16.43 0.01
C ALA B 356 2.05 -17.85 -0.51
N ARG B 357 2.98 -18.30 -1.36
CA ARG B 357 2.92 -19.67 -1.90
C ARG B 357 3.69 -20.61 -0.98
N MET B 358 3.09 -20.85 0.19
CA MET B 358 3.74 -21.68 1.21
C MET B 358 2.68 -22.48 1.96
N LYS B 359 3.16 -23.28 2.91
CA LYS B 359 2.29 -24.08 3.77
C LYS B 359 1.88 -23.26 4.98
N GLY B 360 0.59 -23.30 5.30
CA GLY B 360 0.06 -22.62 6.47
C GLY B 360 -0.13 -21.12 6.33
N VAL B 361 -0.85 -20.70 5.31
CA VAL B 361 -1.16 -19.29 5.09
C VAL B 361 -2.65 -19.08 5.29
N LEU B 362 -3.01 -17.91 5.80
CA LEU B 362 -4.41 -17.51 5.96
C LEU B 362 -4.76 -16.43 4.95
N LEU B 363 -5.94 -16.55 4.35
CA LEU B 363 -6.48 -15.54 3.46
C LEU B 363 -7.68 -14.89 4.13
N ARG B 364 -7.85 -13.58 3.90
CA ARG B 364 -8.86 -12.82 4.63
C ARG B 364 -9.48 -11.75 3.74
N TRP B 365 -10.80 -11.61 3.84
CA TRP B 365 -11.54 -10.48 3.30
C TRP B 365 -12.04 -9.67 4.49
N TRP B 366 -11.64 -8.40 4.56
CA TRP B 366 -11.85 -7.62 5.77
C TRP B 366 -12.28 -6.21 5.42
N GLN B 367 -13.32 -5.71 6.09
CA GLN B 367 -13.66 -4.31 5.91
C GLN B 367 -13.18 -3.54 7.14
N PRO B 368 -12.14 -2.70 7.02
CA PRO B 368 -11.64 -1.96 8.19
C PRO B 368 -12.70 -1.12 8.88
N ARG B 369 -13.36 -0.20 8.17
CA ARG B 369 -14.34 0.68 8.79
C ARG B 369 -15.67 0.59 8.05
N HIS B 370 -16.72 0.93 8.79
CA HIS B 370 -18.08 1.04 8.28
C HIS B 370 -18.92 1.69 9.38
N ASN B 371 -20.19 1.97 9.05
CA ASN B 371 -21.09 2.64 9.98
C ASN B 371 -22.08 1.67 10.64
N GLY B 372 -21.67 0.44 10.90
CA GLY B 372 -22.53 -0.48 11.63
C GLY B 372 -23.65 -1.06 10.79
N THR B 373 -24.56 -1.75 11.49
CA THR B 373 -25.66 -2.43 10.81
C THR B 373 -26.55 -1.44 10.06
N GLY B 374 -26.94 -1.82 8.85
CA GLY B 374 -27.68 -0.94 7.98
C GLY B 374 -26.82 -0.10 7.07
N HIS B 375 -25.50 -0.19 7.19
CA HIS B 375 -24.59 0.68 6.45
C HIS B 375 -23.42 -0.10 5.88
N ASP B 376 -23.06 0.22 4.64
CA ASP B 376 -21.78 -0.17 4.05
C ASP B 376 -21.63 -1.69 3.94
N GLN B 377 -22.71 -2.35 3.52
CA GLN B 377 -22.67 -3.79 3.45
C GLN B 377 -21.95 -4.26 2.20
N TRP B 378 -21.51 -5.51 2.25
CA TRP B 378 -20.85 -6.13 1.12
C TRP B 378 -21.11 -7.63 1.16
N ALA B 379 -21.02 -8.23 -0.02
CA ALA B 379 -21.29 -9.65 -0.18
C ALA B 379 -20.20 -10.30 -1.02
N LEU B 380 -19.94 -11.57 -0.68
CA LEU B 380 -18.87 -12.36 -1.28
C LEU B 380 -19.41 -13.72 -1.69
N ASP B 381 -19.02 -14.20 -2.87
CA ASP B 381 -19.54 -15.48 -3.33
C ASP B 381 -18.57 -16.12 -4.31
N HIS B 382 -18.78 -17.42 -4.53
CA HIS B 382 -17.99 -18.21 -5.49
C HIS B 382 -16.50 -18.03 -5.24
N VAL B 383 -16.10 -18.10 -3.98
CA VAL B 383 -14.70 -18.05 -3.62
C VAL B 383 -14.01 -19.30 -4.14
N GLU B 384 -12.96 -19.11 -4.93
CA GLU B 384 -12.30 -20.21 -5.63
C GLU B 384 -10.81 -19.97 -5.63
N VAL B 385 -10.05 -20.95 -5.13
CA VAL B 385 -8.59 -20.95 -5.25
C VAL B 385 -8.22 -22.01 -6.28
N VAL B 386 -7.82 -21.58 -7.47
CA VAL B 386 -7.39 -22.49 -8.53
C VAL B 386 -6.00 -23.00 -8.19
N LEU B 387 -5.72 -24.26 -8.49
CA LEU B 387 -4.39 -24.79 -8.30
C LEU B 387 -3.60 -24.79 -9.61
N VAL B 388 -2.27 -24.71 -9.48
CA VAL B 388 -1.39 -24.62 -10.64
C VAL B 388 -1.57 -25.84 -11.54
N SER B 389 -1.58 -25.60 -12.85
CA SER B 389 -1.67 -26.65 -13.87
C SER B 389 -2.88 -27.55 -13.64
#